data_6ALX
#
_entry.id   6ALX
#
_cell.length_a   67.253
_cell.length_b   114.298
_cell.length_c   141.651
_cell.angle_alpha   90.000
_cell.angle_beta   90.000
_cell.angle_gamma   90.000
#
_symmetry.space_group_name_H-M   'P 21 21 21'
#
loop_
_entity.id
_entity.type
_entity.pdbx_description
1 polymer 'Stringent starvation protein A'
2 polymer 'Macrophage growth locus A'
#
loop_
_entity_poly.entity_id
_entity_poly.type
_entity_poly.pdbx_seq_one_letter_code
_entity_poly.pdbx_strand_id
1 'polypeptide(L)'
;SNAMVTLYTTKYCPYSLRARIALAEKKMSTDIVEAGDLEPAMIKKITPNGVFPVLMEKDYSINNRKALLIYIDERFPAPS
LLPNVVNERIKIRLSLDKIDNEWYPVLDQIRKHRSDQKMLESMFKDLKESLLAMEKAFTGSEFFISSGFTLADCYIAALI
ICLEAEGFIIDDEYGAIYEYKKRLFARDSVKKANIKGGAGESLLKTLRTHR
;
C,B
2 'polypeptide(L)'
;SNAMLLYTKKDDIYSDIVRMILLIKGANAKIVDVSKEENSKHLEELNIITPNGNIPTLSTDDFAVYRLSVIIEAIEDLYP
FPPMFPVFPKQRANARILLEYVNKTFLQNIIKLQSPDLDEKQANEIKMLMQRDIISTYKKIVSEREVNAESNPDAQNINV
LTLIITFVFYYFIKLKISIPTKDKNIIKEIKELLSEPNFIKTIK
;
A,D
#
# COMPACT_ATOMS: atom_id res chain seq x y z
N SER A 1 1.05 -40.70 30.13
CA SER A 1 1.11 -40.42 31.55
C SER A 1 2.00 -39.21 31.85
N ASN A 2 3.06 -39.43 32.63
CA ASN A 2 3.95 -38.35 33.06
C ASN A 2 4.83 -37.81 31.95
N ALA A 3 4.89 -38.52 30.82
CA ALA A 3 5.54 -38.01 29.62
C ALA A 3 5.10 -36.58 29.38
N MET A 4 5.79 -35.63 30.02
CA MET A 4 5.42 -34.23 29.99
C MET A 4 4.97 -33.86 28.59
N VAL A 5 5.78 -34.23 27.61
CA VAL A 5 5.44 -34.00 26.23
C VAL A 5 5.60 -35.30 25.48
N THR A 6 5.03 -35.34 24.29
CA THR A 6 5.23 -36.48 23.41
C THR A 6 5.49 -35.91 22.03
N LEU A 7 6.40 -36.54 21.31
CA LEU A 7 6.70 -36.11 19.96
C LEU A 7 6.31 -37.22 19.02
N TYR A 8 5.34 -36.92 18.16
CA TYR A 8 4.89 -37.81 17.11
C TYR A 8 5.71 -37.52 15.87
N THR A 9 6.20 -38.55 15.20
CA THR A 9 7.14 -38.33 14.12
C THR A 9 6.96 -39.26 12.93
N THR A 10 7.34 -38.76 11.75
CA THR A 10 7.39 -39.58 10.55
C THR A 10 8.84 -40.01 10.24
N LYS A 11 8.99 -41.14 9.54
CA LYS A 11 10.33 -41.62 9.17
C LYS A 11 10.88 -40.89 7.96
N TYR A 12 12.20 -40.75 7.93
CA TYR A 12 12.88 -40.00 6.85
C TYR A 12 12.31 -38.59 6.67
N CYS A 13 12.02 -37.92 7.78
CA CYS A 13 11.54 -36.55 7.76
C CYS A 13 12.43 -35.65 8.59
N PRO A 14 13.19 -34.74 7.94
CA PRO A 14 14.13 -33.89 8.68
C PRO A 14 13.45 -33.17 9.82
N TYR A 15 12.31 -32.55 9.54
CA TYR A 15 11.60 -31.75 10.51
C TYR A 15 11.40 -32.49 11.85
N SER A 16 11.19 -33.80 11.76
CA SER A 16 11.07 -34.66 12.95
C SER A 16 12.42 -35.05 13.55
N LEU A 17 13.43 -35.18 12.71
CA LEU A 17 14.79 -35.50 13.15
C LEU A 17 15.43 -34.32 13.86
N ARG A 18 15.10 -33.12 13.40
CA ARG A 18 15.48 -31.86 14.04
C ARG A 18 14.96 -31.82 15.47
N ALA A 19 13.68 -32.14 15.62
CA ALA A 19 13.02 -32.06 16.93
C ALA A 19 13.55 -33.09 17.90
N ARG A 20 13.71 -34.32 17.44
CA ARG A 20 14.22 -35.39 18.30
C ARG A 20 15.66 -35.15 18.79
N ILE A 21 16.47 -34.49 17.94
CA ILE A 21 17.86 -34.17 18.27
C ILE A 21 17.97 -33.11 19.36
N ALA A 22 17.01 -32.19 19.37
CA ALA A 22 16.99 -31.10 20.33
C ALA A 22 16.30 -31.50 21.64
N LEU A 23 15.37 -32.45 21.58
CA LEU A 23 14.68 -32.90 22.79
C LEU A 23 15.62 -33.77 23.60
N ALA A 24 16.48 -34.48 22.88
CA ALA A 24 17.52 -35.27 23.51
C ALA A 24 18.46 -34.31 24.22
N GLU A 25 18.79 -33.23 23.53
CA GLU A 25 19.71 -32.24 24.05
C GLU A 25 19.18 -31.59 25.34
N LYS A 26 17.87 -31.69 25.56
CA LYS A 26 17.22 -30.99 26.67
C LYS A 26 16.97 -31.93 27.84
N LYS A 27 17.60 -33.11 27.77
CA LYS A 27 17.38 -34.15 28.75
C LYS A 27 15.95 -34.10 29.24
N MET A 28 15.02 -34.29 28.30
CA MET A 28 13.60 -34.20 28.64
C MET A 28 12.87 -35.54 28.68
N SER A 29 12.03 -35.70 29.72
CA SER A 29 11.22 -36.89 29.88
C SER A 29 10.03 -36.79 28.93
N THR A 30 10.22 -37.28 27.71
CA THR A 30 9.21 -37.17 26.68
C THR A 30 8.93 -38.52 26.06
N ASP A 31 7.66 -38.80 25.78
CA ASP A 31 7.31 -40.01 25.04
C ASP A 31 7.43 -39.73 23.56
N ILE A 32 7.98 -40.68 22.82
CA ILE A 32 8.07 -40.55 21.37
C ILE A 32 7.31 -41.67 20.70
N VAL A 33 6.50 -41.31 19.70
CA VAL A 33 5.67 -42.28 19.01
C VAL A 33 5.66 -42.03 17.51
N GLU A 34 5.47 -43.09 16.73
CA GLU A 34 5.52 -42.98 15.27
C GLU A 34 4.15 -42.83 14.60
N ALA A 35 4.18 -42.39 13.36
CA ALA A 35 3.00 -42.40 12.51
C ALA A 35 3.15 -43.59 11.59
N GLY A 36 2.05 -43.98 10.93
CA GLY A 36 2.03 -45.22 10.17
C GLY A 36 1.74 -46.36 11.12
N ASP A 37 2.19 -46.20 12.36
CA ASP A 37 1.89 -47.14 13.44
C ASP A 37 0.86 -46.52 14.39
N LEU A 38 -0.14 -45.87 13.80
CA LEU A 38 -1.24 -45.28 14.56
C LEU A 38 -2.55 -45.50 13.84
N GLU A 39 -3.64 -45.41 14.58
CA GLU A 39 -4.97 -45.53 13.99
C GLU A 39 -5.28 -44.30 13.14
N PRO A 40 -5.73 -44.52 11.90
CA PRO A 40 -6.09 -43.45 10.97
C PRO A 40 -7.09 -42.47 11.59
N ALA A 41 -7.59 -42.82 12.78
CA ALA A 41 -8.59 -42.01 13.47
C ALA A 41 -7.96 -41.07 14.51
N MET A 42 -6.91 -41.54 15.16
CA MET A 42 -6.22 -40.74 16.18
C MET A 42 -5.22 -39.77 15.56
N ILE A 43 -4.55 -40.20 14.50
CA ILE A 43 -3.65 -39.32 13.78
C ILE A 43 -4.38 -38.00 13.50
N LYS A 44 -5.67 -38.10 13.18
CA LYS A 44 -6.49 -36.93 12.91
C LYS A 44 -6.98 -36.25 14.20
N LYS A 45 -6.84 -36.95 15.31
CA LYS A 45 -7.27 -36.43 16.60
C LYS A 45 -6.25 -35.41 17.10
N ILE A 46 -4.97 -35.77 17.02
CA ILE A 46 -3.86 -34.94 17.50
C ILE A 46 -3.49 -33.81 16.52
N THR A 47 -3.13 -34.17 15.28
CA THR A 47 -2.82 -33.18 14.25
C THR A 47 -3.73 -33.30 13.03
N PRO A 48 -4.80 -32.50 12.99
CA PRO A 48 -5.82 -32.55 11.94
C PRO A 48 -5.36 -32.18 10.53
N ASN A 49 -4.07 -31.97 10.29
CA ASN A 49 -3.64 -31.46 9.00
C ASN A 49 -2.51 -32.24 8.34
N GLY A 50 -2.05 -33.31 8.99
CA GLY A 50 -1.07 -34.21 8.42
C GLY A 50 0.31 -33.59 8.37
N VAL A 51 0.45 -32.49 9.09
CA VAL A 51 1.76 -31.95 9.36
C VAL A 51 2.42 -32.99 10.22
N PHE A 52 3.75 -33.12 10.15
CA PHE A 52 4.35 -34.16 10.96
C PHE A 52 5.74 -34.05 11.56
N PRO A 53 5.96 -33.00 12.35
CA PRO A 53 6.42 -33.41 13.66
C PRO A 53 5.51 -32.67 14.65
N VAL A 54 4.82 -33.38 15.53
CA VAL A 54 3.83 -32.74 16.40
C VAL A 54 4.17 -32.93 17.85
N LEU A 55 4.40 -31.84 18.55
CA LEU A 55 4.75 -31.92 19.96
C LEU A 55 3.56 -31.51 20.79
N MET A 56 3.11 -32.39 21.66
CA MET A 56 1.98 -32.01 22.48
C MET A 56 2.16 -32.37 23.93
N GLU A 57 1.91 -31.38 24.78
CA GLU A 57 1.82 -31.60 26.22
C GLU A 57 0.45 -31.20 26.74
N LYS A 58 0.24 -31.46 28.02
CA LYS A 58 -1.06 -31.30 28.68
C LYS A 58 -2.06 -30.40 27.96
N ASP A 59 -1.74 -29.11 27.89
CA ASP A 59 -2.70 -28.13 27.41
C ASP A 59 -2.23 -27.36 26.19
N TYR A 60 -1.38 -27.98 25.38
CA TYR A 60 -0.95 -27.35 24.13
C TYR A 60 -0.46 -28.37 23.09
N SER A 61 -0.66 -28.04 21.82
CA SER A 61 -0.27 -28.93 20.73
C SER A 61 0.27 -28.13 19.55
N ILE A 62 1.50 -28.45 19.14
CA ILE A 62 2.20 -27.59 18.19
C ILE A 62 2.90 -28.39 17.10
N ASN A 63 3.03 -27.80 15.92
CA ASN A 63 3.65 -28.47 14.79
C ASN A 63 4.14 -27.50 13.71
N ASN A 64 3.89 -26.20 13.88
CA ASN A 64 4.33 -25.19 12.93
C ASN A 64 5.82 -25.36 12.63
N ARG A 65 6.13 -25.90 11.46
CA ARG A 65 7.50 -26.21 11.10
C ARG A 65 8.51 -25.14 11.52
N LYS A 66 8.35 -23.92 11.00
CA LYS A 66 9.36 -22.86 11.20
C LYS A 66 9.45 -22.36 12.63
N ALA A 67 8.54 -22.81 13.50
CA ALA A 67 8.46 -22.27 14.87
C ALA A 67 8.67 -23.30 15.97
N LEU A 68 8.57 -24.58 15.62
CA LEU A 68 8.56 -25.64 16.61
C LEU A 68 9.84 -25.64 17.43
N LEU A 69 10.97 -25.68 16.73
CA LEU A 69 12.26 -25.82 17.39
C LEU A 69 12.53 -24.64 18.32
N ILE A 70 12.35 -23.42 17.84
CA ILE A 70 12.49 -22.25 18.71
C ILE A 70 11.71 -22.47 20.01
N TYR A 71 10.56 -23.15 19.91
CA TYR A 71 9.68 -23.38 21.07
C TYR A 71 10.27 -24.35 22.10
N ILE A 72 10.83 -25.46 21.61
CA ILE A 72 11.51 -26.40 22.49
C ILE A 72 12.63 -25.71 23.26
N ASP A 73 13.44 -24.92 22.57
CA ASP A 73 14.59 -24.26 23.18
C ASP A 73 14.13 -23.25 24.22
N GLU A 74 12.95 -22.66 23.99
CA GLU A 74 12.40 -21.68 24.93
C GLU A 74 11.63 -22.32 26.09
N ARG A 75 10.91 -23.40 25.80
CA ARG A 75 10.06 -24.05 26.81
C ARG A 75 10.88 -24.78 27.87
N PHE A 76 11.91 -25.49 27.41
CA PHE A 76 12.86 -26.16 28.30
C PHE A 76 14.22 -25.49 28.13
N PRO A 77 14.45 -24.40 28.87
CA PRO A 77 15.56 -23.47 28.57
C PRO A 77 16.95 -24.11 28.68
N ALA A 78 17.23 -24.87 29.74
CA ALA A 78 18.57 -25.42 29.92
C ALA A 78 18.71 -26.84 29.36
N PRO A 79 19.75 -27.05 28.54
CA PRO A 79 20.80 -26.11 28.15
C PRO A 79 20.43 -25.27 26.93
N SER A 80 20.87 -24.03 26.87
CA SER A 80 20.49 -23.12 25.78
C SER A 80 20.98 -23.59 24.40
N LEU A 81 20.10 -23.57 23.41
CA LEU A 81 20.47 -24.01 22.05
C LEU A 81 20.67 -22.86 21.06
N LEU A 82 20.99 -21.69 21.62
CA LEU A 82 21.39 -20.51 20.86
C LEU A 82 22.63 -19.89 21.48
N PRO A 83 23.32 -19.04 20.70
CA PRO A 83 24.54 -18.42 21.23
C PRO A 83 24.22 -17.48 22.38
N ASN A 84 25.26 -17.10 23.11
CA ASN A 84 25.09 -16.15 24.19
C ASN A 84 25.42 -14.75 23.69
N VAL A 85 26.47 -14.64 22.89
CA VAL A 85 26.86 -13.35 22.34
C VAL A 85 25.77 -12.84 21.39
N VAL A 86 25.22 -11.67 21.72
CA VAL A 86 24.15 -11.10 20.94
C VAL A 86 24.40 -11.31 19.45
N ASN A 87 25.41 -10.63 18.91
CA ASN A 87 25.69 -10.68 17.47
C ASN A 87 25.70 -12.09 16.88
N GLU A 88 26.41 -13.02 17.51
CA GLU A 88 26.40 -14.41 17.04
C GLU A 88 24.97 -14.94 16.94
N ARG A 89 24.22 -14.79 18.02
CA ARG A 89 22.86 -15.30 18.07
C ARG A 89 21.99 -14.70 16.98
N ILE A 90 22.20 -13.40 16.75
CA ILE A 90 21.46 -12.68 15.73
C ILE A 90 21.65 -13.28 14.34
N LYS A 91 22.89 -13.57 13.98
CA LYS A 91 23.15 -14.15 12.67
C LYS A 91 22.93 -15.67 12.56
N ILE A 92 22.85 -16.37 13.69
CA ILE A 92 22.43 -17.78 13.69
C ILE A 92 20.94 -17.83 13.34
N ARG A 93 20.22 -16.84 13.84
CA ARG A 93 18.79 -16.74 13.63
C ARG A 93 18.49 -16.48 12.14
N LEU A 94 19.52 -16.02 11.44
CA LEU A 94 19.42 -15.76 10.01
C LEU A 94 19.87 -16.99 9.23
N SER A 95 20.96 -17.61 9.65
CA SER A 95 21.44 -18.79 8.96
C SER A 95 20.38 -19.88 9.04
N LEU A 96 19.66 -19.93 10.16
CA LEU A 96 18.55 -20.86 10.29
C LEU A 96 17.57 -20.68 9.14
N ASP A 97 17.09 -19.47 8.95
CA ASP A 97 16.14 -19.18 7.89
C ASP A 97 16.70 -19.57 6.52
N LYS A 98 17.87 -19.06 6.17
CA LYS A 98 18.50 -19.43 4.90
C LYS A 98 18.53 -20.93 4.70
N ILE A 99 18.85 -21.66 5.75
CA ILE A 99 18.79 -23.12 5.73
C ILE A 99 17.42 -23.67 5.36
N ASP A 100 16.43 -23.40 6.20
CA ASP A 100 15.06 -23.85 5.96
C ASP A 100 14.54 -23.44 4.59
N ASN A 101 15.23 -22.52 3.91
CA ASN A 101 14.64 -21.93 2.72
C ASN A 101 15.35 -22.14 1.40
N GLU A 102 16.62 -22.49 1.48
CA GLU A 102 17.42 -22.55 0.28
C GLU A 102 18.02 -23.91 0.20
N TRP A 103 17.96 -24.62 1.32
CA TRP A 103 18.65 -25.91 1.40
C TRP A 103 17.70 -27.09 1.57
N TYR A 104 16.72 -26.95 2.45
CA TYR A 104 15.74 -28.03 2.65
C TYR A 104 14.94 -28.38 1.38
N PRO A 105 14.63 -27.37 0.54
CA PRO A 105 14.00 -27.59 -0.77
C PRO A 105 14.86 -28.44 -1.69
N VAL A 106 16.17 -28.29 -1.63
CA VAL A 106 17.02 -29.13 -2.45
C VAL A 106 16.77 -30.57 -2.06
N LEU A 107 16.44 -30.79 -0.80
CA LEU A 107 16.09 -32.13 -0.33
C LEU A 107 14.83 -32.65 -1.04
N ASP A 108 13.70 -31.99 -0.85
CA ASP A 108 12.48 -32.41 -1.51
C ASP A 108 12.72 -32.68 -2.99
N GLN A 109 13.45 -31.79 -3.64
CA GLN A 109 13.71 -31.90 -5.06
C GLN A 109 14.65 -33.05 -5.41
N ILE A 110 15.22 -33.68 -4.40
CA ILE A 110 16.07 -34.84 -4.61
C ILE A 110 15.21 -36.09 -4.44
N ARG A 111 14.02 -35.89 -3.87
CA ARG A 111 13.07 -36.97 -3.60
C ARG A 111 11.92 -36.96 -4.61
N LYS A 112 11.16 -35.88 -4.60
CA LYS A 112 10.03 -35.74 -5.52
C LYS A 112 10.43 -36.06 -6.97
N HIS A 113 11.71 -35.84 -7.31
CA HIS A 113 12.20 -36.09 -8.66
C HIS A 113 13.17 -37.26 -8.67
N ARG A 114 13.05 -38.17 -7.73
CA ARG A 114 14.08 -39.18 -7.56
C ARG A 114 13.87 -40.44 -8.37
N SER A 115 12.64 -40.67 -8.83
CA SER A 115 12.35 -41.85 -9.64
C SER A 115 12.95 -41.76 -11.05
N ASP A 116 13.99 -40.95 -11.18
CA ASP A 116 14.64 -40.66 -12.45
C ASP A 116 16.13 -40.45 -12.18
N GLN A 117 17.00 -41.14 -12.91
CA GLN A 117 18.42 -41.17 -12.56
C GLN A 117 19.32 -40.18 -13.29
N LYS A 118 18.83 -39.60 -14.40
CA LYS A 118 19.62 -38.62 -15.14
C LYS A 118 19.55 -37.23 -14.50
N MET A 119 18.44 -36.94 -13.84
CA MET A 119 18.31 -35.69 -13.11
C MET A 119 19.19 -35.73 -11.88
N LEU A 120 19.02 -36.79 -11.10
CA LEU A 120 19.85 -37.00 -9.93
C LEU A 120 21.34 -36.78 -10.25
N GLU A 121 21.84 -37.47 -11.28
CA GLU A 121 23.24 -37.37 -11.67
C GLU A 121 23.75 -35.93 -11.66
N SER A 122 22.88 -35.00 -12.04
CA SER A 122 23.25 -33.58 -12.14
C SER A 122 23.09 -32.85 -10.80
N MET A 123 21.97 -33.09 -10.14
CA MET A 123 21.67 -32.48 -8.85
C MET A 123 22.75 -32.81 -7.82
N PHE A 124 23.13 -34.08 -7.73
CA PHE A 124 24.23 -34.49 -6.85
C PHE A 124 25.52 -33.78 -7.26
N LYS A 125 25.62 -33.38 -8.52
CA LYS A 125 26.80 -32.67 -9.01
C LYS A 125 26.78 -31.22 -8.54
N ASP A 126 25.58 -30.69 -8.36
CA ASP A 126 25.37 -29.33 -7.85
C ASP A 126 25.61 -29.25 -6.35
N LEU A 127 24.87 -30.07 -5.61
CA LEU A 127 25.10 -30.14 -4.17
C LEU A 127 26.59 -30.30 -3.93
N LYS A 128 27.29 -30.95 -4.87
CA LYS A 128 28.74 -31.08 -4.80
C LYS A 128 29.40 -29.70 -4.87
N GLU A 129 29.17 -28.96 -5.95
CA GLU A 129 29.77 -27.62 -6.08
C GLU A 129 29.41 -26.71 -4.91
N SER A 130 28.11 -26.60 -4.61
CA SER A 130 27.64 -25.68 -3.58
C SER A 130 28.35 -25.86 -2.24
N LEU A 131 28.71 -27.09 -1.94
CA LEU A 131 29.45 -27.39 -0.72
C LEU A 131 30.94 -27.25 -0.94
N LEU A 132 31.41 -27.66 -2.12
CA LEU A 132 32.84 -27.63 -2.45
C LEU A 132 33.44 -26.27 -2.14
N ALA A 133 32.68 -25.23 -2.46
CA ALA A 133 33.17 -23.85 -2.36
C ALA A 133 32.96 -23.22 -0.97
N MET A 134 32.27 -23.93 -0.10
CA MET A 134 32.07 -23.46 1.27
C MET A 134 32.93 -24.26 2.26
N GLU A 135 33.20 -25.51 1.91
CA GLU A 135 34.04 -26.41 2.71
C GLU A 135 35.38 -25.77 3.04
N LYS A 136 35.74 -24.75 2.27
CA LYS A 136 36.92 -23.96 2.51
C LYS A 136 36.52 -22.78 3.38
N ALA A 137 35.43 -22.14 2.99
CA ALA A 137 34.96 -20.90 3.61
C ALA A 137 34.65 -21.01 5.11
N PHE A 138 34.54 -22.23 5.63
CA PHE A 138 34.33 -22.43 7.06
C PHE A 138 35.31 -23.41 7.67
N THR A 139 35.95 -23.03 8.78
CA THR A 139 36.92 -23.88 9.44
C THR A 139 37.30 -23.31 10.80
N GLY A 140 38.05 -24.10 11.56
CA GLY A 140 38.59 -23.64 12.82
C GLY A 140 37.56 -23.42 13.90
N SER A 141 36.34 -23.94 13.66
CA SER A 141 35.28 -23.85 14.66
C SER A 141 34.70 -25.24 14.95
N GLU A 142 34.35 -25.49 16.21
CA GLU A 142 33.98 -26.84 16.63
C GLU A 142 32.70 -27.31 15.96
N PHE A 143 31.62 -26.58 16.19
CA PHE A 143 30.36 -26.80 15.52
C PHE A 143 30.11 -25.65 14.56
N PHE A 144 28.91 -25.59 14.02
CA PHE A 144 28.55 -24.59 13.02
C PHE A 144 28.50 -23.18 13.56
N ILE A 145 29.29 -22.30 12.94
CA ILE A 145 29.29 -20.86 13.23
C ILE A 145 29.16 -20.46 14.70
N SER A 146 29.67 -21.29 15.60
CA SER A 146 29.67 -20.97 17.03
C SER A 146 30.72 -21.76 17.78
N SER A 147 30.77 -21.54 19.09
CA SER A 147 31.62 -22.35 19.94
C SER A 147 30.91 -23.65 20.28
N GLY A 148 29.62 -23.55 20.59
CA GLY A 148 28.87 -24.71 21.05
C GLY A 148 27.69 -25.11 20.18
N PHE A 149 26.99 -26.15 20.63
CA PHE A 149 25.87 -26.70 19.87
C PHE A 149 24.72 -25.71 19.72
N THR A 150 24.37 -25.41 18.47
CA THR A 150 23.27 -24.51 18.17
C THR A 150 22.09 -25.25 17.57
N LEU A 151 20.92 -24.61 17.55
CA LEU A 151 19.82 -25.16 16.77
C LEU A 151 20.34 -25.43 15.35
N ALA A 152 21.13 -24.49 14.83
CA ALA A 152 21.69 -24.59 13.50
C ALA A 152 22.27 -25.99 13.23
N ASP A 153 22.80 -26.61 14.27
CA ASP A 153 23.45 -27.90 14.11
C ASP A 153 22.40 -29.00 14.02
N CYS A 154 21.39 -28.89 14.87
CA CYS A 154 20.23 -29.74 14.78
C CYS A 154 19.67 -29.72 13.35
N TYR A 155 19.48 -28.53 12.79
CA TYR A 155 19.01 -28.38 11.42
C TYR A 155 19.86 -29.20 10.46
N ILE A 156 21.17 -28.94 10.47
CA ILE A 156 22.09 -29.59 9.55
C ILE A 156 22.23 -31.09 9.79
N ALA A 157 22.40 -31.47 11.05
CA ALA A 157 22.43 -32.87 11.41
C ALA A 157 21.34 -33.64 10.65
N ALA A 158 20.09 -33.24 10.89
CA ALA A 158 18.92 -33.94 10.37
C ALA A 158 18.90 -33.91 8.86
N LEU A 159 19.28 -32.78 8.29
CA LEU A 159 19.27 -32.61 6.85
C LEU A 159 20.21 -33.62 6.19
N ILE A 160 21.45 -33.66 6.67
CA ILE A 160 22.43 -34.64 6.21
C ILE A 160 21.88 -36.06 6.29
N ILE A 161 21.27 -36.39 7.42
CA ILE A 161 20.72 -37.73 7.62
C ILE A 161 19.85 -38.15 6.44
N CYS A 162 18.89 -37.30 6.09
CA CYS A 162 17.94 -37.58 5.03
C CYS A 162 18.63 -37.69 3.67
N LEU A 163 19.59 -36.81 3.42
CA LEU A 163 20.30 -36.76 2.14
C LEU A 163 21.20 -37.97 1.90
N GLU A 164 21.84 -38.47 2.96
CA GLU A 164 22.67 -39.64 2.81
C GLU A 164 21.81 -40.91 2.77
N ALA A 165 20.53 -40.73 3.03
CA ALA A 165 19.55 -41.80 2.90
C ALA A 165 18.88 -41.72 1.54
N GLU A 166 19.25 -40.70 0.77
CA GLU A 166 18.82 -40.55 -0.61
C GLU A 166 19.93 -41.08 -1.48
N GLY A 167 21.07 -41.31 -0.84
CA GLY A 167 22.26 -41.77 -1.53
C GLY A 167 23.31 -40.69 -1.61
N PHE A 168 22.98 -39.51 -1.09
CA PHE A 168 23.93 -38.40 -1.09
C PHE A 168 24.86 -38.45 0.12
N ILE A 169 26.08 -38.94 -0.07
CA ILE A 169 27.01 -39.06 1.04
C ILE A 169 28.20 -38.12 0.96
N ILE A 170 28.67 -37.69 2.14
CA ILE A 170 29.79 -36.77 2.29
C ILE A 170 31.11 -37.51 2.53
N ASP A 171 32.11 -37.19 1.72
CA ASP A 171 33.33 -37.97 1.68
C ASP A 171 34.53 -37.26 2.28
N ASP A 172 35.69 -37.91 2.14
CA ASP A 172 36.98 -37.36 2.53
C ASP A 172 37.30 -36.17 1.65
N GLU A 173 36.51 -35.98 0.59
CA GLU A 173 36.83 -34.98 -0.41
C GLU A 173 36.06 -33.67 -0.25
N TYR A 174 35.65 -33.40 0.99
CA TYR A 174 35.11 -32.09 1.33
C TYR A 174 36.00 -31.36 2.35
N GLY A 175 36.50 -32.06 3.35
CA GLY A 175 37.42 -31.46 4.29
C GLY A 175 36.94 -31.27 5.72
N ALA A 176 37.04 -30.04 6.23
CA ALA A 176 36.62 -29.72 7.59
C ALA A 176 35.15 -30.07 7.80
N ILE A 177 34.46 -30.25 6.68
CA ILE A 177 33.07 -30.62 6.68
C ILE A 177 32.87 -32.08 7.09
N TYR A 178 33.56 -32.98 6.41
CA TYR A 178 33.46 -34.40 6.71
C TYR A 178 33.65 -34.65 8.21
N GLU A 179 34.64 -33.97 8.80
CA GLU A 179 34.96 -34.16 10.20
C GLU A 179 33.97 -33.39 11.09
N TYR A 180 33.45 -32.28 10.56
CA TYR A 180 32.34 -31.59 11.22
C TYR A 180 31.08 -32.46 11.24
N LYS A 181 30.89 -33.26 10.19
CA LYS A 181 29.83 -34.26 10.16
C LYS A 181 30.20 -35.41 11.08
N LYS A 182 31.48 -35.74 11.13
CA LYS A 182 31.95 -36.79 12.03
C LYS A 182 31.68 -36.39 13.48
N ARG A 183 31.98 -35.13 13.79
CA ARG A 183 31.72 -34.59 15.11
C ARG A 183 30.24 -34.55 15.40
N LEU A 184 29.47 -34.09 14.43
CA LEU A 184 28.02 -34.07 14.53
C LEU A 184 27.47 -35.43 14.97
N PHE A 185 27.87 -36.47 14.26
CA PHE A 185 27.39 -37.81 14.55
C PHE A 185 28.10 -38.42 15.76
N ALA A 186 29.10 -37.70 16.27
CA ALA A 186 29.75 -38.08 17.50
C ALA A 186 28.83 -37.82 18.71
N ARG A 187 27.88 -36.89 18.55
CA ARG A 187 27.01 -36.46 19.67
C ARG A 187 25.85 -37.39 20.02
N ASP A 188 25.72 -37.69 21.32
CA ASP A 188 24.69 -38.61 21.80
C ASP A 188 23.29 -38.14 21.45
N SER A 189 23.16 -36.88 21.01
CA SER A 189 21.89 -36.33 20.54
C SER A 189 21.58 -36.90 19.17
N VAL A 190 22.55 -36.74 18.28
CA VAL A 190 22.40 -37.12 16.88
C VAL A 190 22.38 -38.64 16.68
N LYS A 191 22.99 -39.37 17.60
CA LYS A 191 23.13 -40.82 17.44
C LYS A 191 21.85 -41.61 17.74
N LYS A 192 21.10 -41.20 18.76
CA LYS A 192 19.85 -41.89 19.06
C LYS A 192 18.77 -41.51 18.06
N ALA A 193 19.09 -40.57 17.17
CA ALA A 193 18.12 -40.13 16.17
C ALA A 193 18.37 -40.79 14.82
N ASN A 194 19.60 -41.22 14.61
CA ASN A 194 20.03 -41.79 13.33
C ASN A 194 19.67 -43.28 13.15
N ILE A 195 19.45 -43.98 14.27
CA ILE A 195 19.22 -45.42 14.23
C ILE A 195 17.73 -45.81 14.16
N SER B 1 29.99 4.94 16.54
CA SER B 1 29.43 4.47 17.81
C SER B 1 28.40 3.35 17.59
N ASN B 2 27.17 3.59 18.02
CA ASN B 2 26.08 2.64 17.80
C ASN B 2 25.65 2.71 16.34
N ALA B 3 26.61 2.48 15.44
CA ALA B 3 26.43 2.69 14.01
C ALA B 3 25.45 1.70 13.39
N MET B 4 24.19 1.77 13.82
CA MET B 4 23.15 0.94 13.26
C MET B 4 22.58 1.60 12.04
N LEU B 5 22.64 0.88 10.91
CA LEU B 5 22.19 1.41 9.64
C LEU B 5 21.03 0.59 9.07
N LEU B 6 19.85 1.19 8.99
CA LEU B 6 18.67 0.52 8.43
C LEU B 6 18.39 0.94 6.98
N TYR B 7 18.52 -0.01 6.05
CA TYR B 7 18.26 0.26 4.63
C TYR B 7 16.78 0.09 4.33
N THR B 8 16.19 1.08 3.65
CA THR B 8 14.76 1.12 3.41
C THR B 8 14.41 1.57 1.98
N LYS B 9 13.12 1.49 1.65
CA LYS B 9 12.58 2.14 0.45
C LYS B 9 11.25 2.79 0.82
N LYS B 10 10.94 3.91 0.17
CA LYS B 10 9.70 4.62 0.48
C LYS B 10 8.46 3.74 0.23
N ASP B 11 7.48 3.83 1.13
CA ASP B 11 6.23 3.09 0.95
C ASP B 11 6.42 1.57 0.93
N ASP B 12 7.47 1.08 1.58
CA ASP B 12 7.71 -0.36 1.67
C ASP B 12 7.28 -0.89 3.04
N ILE B 13 6.07 -1.45 3.12
CA ILE B 13 5.45 -1.73 4.42
C ILE B 13 6.33 -2.43 5.45
N TYR B 14 7.33 -3.18 4.99
CA TYR B 14 8.26 -3.79 5.94
C TYR B 14 9.07 -2.70 6.62
N SER B 15 9.75 -1.89 5.82
CA SER B 15 10.52 -0.77 6.34
C SER B 15 9.73 0.06 7.34
N ASP B 16 8.53 0.45 6.96
CA ASP B 16 7.68 1.23 7.84
C ASP B 16 7.49 0.59 9.21
N ILE B 17 7.45 -0.74 9.23
CA ILE B 17 7.23 -1.48 10.47
C ILE B 17 8.50 -1.55 11.32
N VAL B 18 9.62 -1.84 10.70
CA VAL B 18 10.89 -1.85 11.43
C VAL B 18 11.20 -0.45 11.94
N ARG B 19 10.89 0.57 11.14
CA ARG B 19 11.13 1.96 11.51
C ARG B 19 10.32 2.41 12.73
N MET B 20 9.14 1.83 12.92
CA MET B 20 8.30 2.16 14.07
C MET B 20 8.61 1.34 15.32
N ILE B 21 9.29 0.22 15.14
CA ILE B 21 9.76 -0.56 16.29
C ILE B 21 11.01 0.13 16.85
N LEU B 22 11.95 0.45 15.96
CA LEU B 22 13.16 1.14 16.34
C LEU B 22 12.84 2.43 17.08
N LEU B 23 11.75 3.07 16.68
CA LEU B 23 11.29 4.28 17.35
C LEU B 23 10.90 3.95 18.78
N ILE B 24 10.06 2.94 18.94
CA ILE B 24 9.62 2.49 20.26
C ILE B 24 10.77 2.12 21.19
N LYS B 25 11.76 1.41 20.65
CA LYS B 25 12.94 1.02 21.41
C LYS B 25 13.68 2.25 21.89
N GLY B 26 13.73 3.25 21.01
CA GLY B 26 14.54 4.43 21.26
C GLY B 26 15.96 4.07 20.87
N ALA B 27 16.06 3.24 19.84
CA ALA B 27 17.35 2.87 19.30
C ALA B 27 17.78 3.93 18.32
N ASN B 28 19.04 4.32 18.36
CA ASN B 28 19.52 5.28 17.38
C ASN B 28 19.88 4.49 16.13
N ALA B 29 19.48 5.02 14.98
CA ALA B 29 19.63 4.26 13.77
C ALA B 29 19.52 5.14 12.54
N LYS B 30 20.55 5.09 11.69
CA LYS B 30 20.56 5.87 10.47
C LYS B 30 19.71 5.19 9.43
N ILE B 31 18.50 5.69 9.28
CA ILE B 31 17.60 5.19 8.26
C ILE B 31 18.10 5.60 6.88
N VAL B 32 17.95 4.72 5.89
CA VAL B 32 18.45 5.00 4.56
C VAL B 32 17.43 4.63 3.48
N ASP B 33 16.77 5.64 2.91
CA ASP B 33 15.87 5.36 1.79
C ASP B 33 16.70 5.14 0.52
N VAL B 34 16.64 3.93 -0.01
CA VAL B 34 17.39 3.56 -1.21
C VAL B 34 16.67 4.03 -2.48
N SER B 35 15.40 4.41 -2.31
CA SER B 35 14.58 4.93 -3.39
C SER B 35 15.14 6.29 -3.81
N LYS B 36 15.64 7.04 -2.82
CA LYS B 36 16.26 8.36 -3.01
C LYS B 36 17.65 8.28 -3.67
N GLU B 37 17.82 9.04 -4.75
CA GLU B 37 19.01 8.94 -5.60
C GLU B 37 20.27 9.54 -4.97
N GLU B 38 20.11 10.22 -3.84
CA GLU B 38 21.25 10.74 -3.09
C GLU B 38 22.08 9.61 -2.50
N ASN B 39 21.39 8.54 -2.13
CA ASN B 39 22.03 7.41 -1.48
C ASN B 39 22.44 6.34 -2.49
N SER B 40 22.65 6.75 -3.73
CA SER B 40 23.20 5.86 -4.74
C SER B 40 24.43 5.19 -4.13
N LYS B 41 25.02 5.89 -3.16
CA LYS B 41 26.27 5.48 -2.52
C LYS B 41 26.07 4.29 -1.58
N HIS B 42 24.94 4.32 -0.87
CA HIS B 42 24.59 3.24 0.03
C HIS B 42 24.01 2.04 -0.73
N LEU B 43 23.23 2.31 -1.78
CA LEU B 43 22.65 1.25 -2.57
C LEU B 43 23.75 0.39 -3.21
N GLU B 44 24.83 1.02 -3.64
CA GLU B 44 26.00 0.30 -4.14
C GLU B 44 26.48 -0.66 -3.05
N GLU B 45 26.62 -0.11 -1.85
CA GLU B 45 26.97 -0.91 -0.67
C GLU B 45 26.03 -2.10 -0.47
N LEU B 46 24.75 -1.81 -0.21
CA LEU B 46 23.76 -2.85 0.07
C LEU B 46 23.95 -4.11 -0.78
N ASN B 47 24.11 -3.93 -2.09
CA ASN B 47 24.24 -5.05 -3.01
C ASN B 47 25.55 -5.80 -2.89
N ILE B 48 26.34 -5.40 -1.89
CA ILE B 48 27.57 -6.08 -1.52
C ILE B 48 27.26 -6.99 -0.33
N ILE B 49 26.37 -6.52 0.54
CA ILE B 49 26.11 -7.16 1.83
C ILE B 49 24.80 -7.98 1.91
N THR B 50 24.06 -8.04 0.81
CA THR B 50 22.84 -8.84 0.77
C THR B 50 22.70 -9.46 -0.61
N PRO B 51 22.31 -10.73 -0.65
CA PRO B 51 22.20 -11.50 -1.90
C PRO B 51 21.37 -10.82 -3.01
N ASN B 52 20.43 -9.96 -2.65
CA ASN B 52 19.54 -9.33 -3.64
C ASN B 52 19.14 -7.91 -3.28
N GLY B 53 20.08 -7.16 -2.73
CA GLY B 53 19.80 -5.81 -2.28
C GLY B 53 18.59 -5.80 -1.38
N ASN B 54 18.46 -6.84 -0.58
CA ASN B 54 17.30 -7.05 0.28
C ASN B 54 16.85 -5.83 1.07
N ILE B 55 15.54 -5.59 1.10
CA ILE B 55 14.96 -4.47 1.83
C ILE B 55 13.70 -4.88 2.58
N PRO B 56 13.61 -4.51 3.86
CA PRO B 56 14.68 -3.76 4.51
C PRO B 56 15.86 -4.63 4.93
N THR B 57 17.00 -4.00 5.17
CA THR B 57 18.15 -4.65 5.78
C THR B 57 18.60 -3.86 7.00
N LEU B 58 18.86 -4.58 8.09
CA LEU B 58 19.45 -3.98 9.28
C LEU B 58 20.92 -4.27 9.27
N SER B 59 21.74 -3.26 9.04
CA SER B 59 23.18 -3.46 9.03
C SER B 59 23.82 -2.82 10.25
N THR B 60 24.81 -3.53 10.78
CA THR B 60 25.64 -3.01 11.85
C THR B 60 27.04 -3.41 11.41
N ASP B 61 28.06 -3.11 12.20
CA ASP B 61 29.44 -3.46 11.84
C ASP B 61 29.67 -4.97 11.79
N ASP B 62 28.91 -5.70 12.60
CA ASP B 62 29.11 -7.14 12.80
C ASP B 62 28.29 -8.01 11.85
N PHE B 63 27.16 -7.47 11.39
CA PHE B 63 26.19 -8.26 10.62
C PHE B 63 25.35 -7.43 9.64
N ALA B 64 24.70 -8.11 8.70
CA ALA B 64 23.69 -7.49 7.84
C ALA B 64 22.45 -8.39 7.67
N VAL B 65 21.49 -8.22 8.56
CA VAL B 65 20.33 -9.11 8.59
C VAL B 65 19.12 -8.55 7.84
N TYR B 66 18.47 -9.44 7.10
CA TYR B 66 17.23 -9.12 6.38
C TYR B 66 16.14 -10.10 6.78
N ARG B 67 14.93 -9.90 6.26
CA ARG B 67 13.79 -10.78 6.56
C ARG B 67 13.16 -10.40 7.89
N LEU B 68 11.89 -10.00 7.83
CA LEU B 68 11.16 -9.37 8.94
C LEU B 68 11.34 -10.04 10.30
N SER B 69 11.03 -11.32 10.40
CA SER B 69 11.10 -12.02 11.68
C SER B 69 12.50 -11.89 12.27
N VAL B 70 13.50 -12.25 11.47
CA VAL B 70 14.88 -12.19 11.92
C VAL B 70 15.17 -10.81 12.46
N ILE B 71 14.82 -9.78 11.69
CA ILE B 71 15.00 -8.40 12.12
C ILE B 71 14.32 -8.10 13.46
N ILE B 72 13.02 -8.38 13.54
CA ILE B 72 12.24 -8.12 14.74
C ILE B 72 12.83 -8.78 15.98
N GLU B 73 13.26 -10.03 15.81
CA GLU B 73 13.98 -10.73 16.86
C GLU B 73 15.32 -10.06 17.15
N ALA B 74 16.03 -9.71 16.07
CA ALA B 74 17.34 -9.08 16.19
C ALA B 74 17.26 -7.83 17.05
N ILE B 75 16.19 -7.07 16.89
CA ILE B 75 16.00 -5.83 17.64
C ILE B 75 15.73 -6.15 19.13
N GLU B 76 15.09 -7.30 19.37
CA GLU B 76 14.72 -7.69 20.73
C GLU B 76 15.97 -8.02 21.51
N ASP B 77 16.96 -8.60 20.82
CA ASP B 77 18.24 -8.89 21.45
C ASP B 77 18.95 -7.60 21.81
N LEU B 78 18.98 -6.68 20.84
CA LEU B 78 19.75 -5.45 20.92
C LEU B 78 19.18 -4.43 21.90
N TYR B 79 17.88 -4.17 21.78
CA TYR B 79 17.21 -3.23 22.68
C TYR B 79 16.07 -3.92 23.42
N PRO B 80 16.39 -4.57 24.56
CA PRO B 80 15.40 -5.35 25.32
C PRO B 80 14.23 -4.50 25.77
N PHE B 81 14.46 -3.19 25.96
CA PHE B 81 13.48 -2.30 26.59
C PHE B 81 12.78 -1.32 25.64
N PRO B 82 11.44 -1.39 25.56
CA PRO B 82 10.61 -2.31 26.33
C PRO B 82 10.38 -3.60 25.55
N PRO B 83 9.84 -4.64 26.20
CA PRO B 83 9.69 -5.95 25.57
C PRO B 83 8.71 -5.95 24.39
N MET B 84 9.08 -6.63 23.30
CA MET B 84 8.22 -6.75 22.12
C MET B 84 7.33 -7.99 22.15
N PHE B 85 7.79 -9.05 22.80
CA PHE B 85 7.05 -10.30 22.83
C PHE B 85 6.37 -10.55 24.17
N PRO B 86 5.41 -11.48 24.22
CA PRO B 86 4.91 -11.99 25.49
C PRO B 86 6.06 -12.61 26.26
N VAL B 87 5.78 -13.33 27.33
CA VAL B 87 6.86 -14.01 28.05
C VAL B 87 6.64 -15.52 28.15
N PHE B 88 5.38 -15.94 28.17
CA PHE B 88 5.06 -17.37 28.25
C PHE B 88 5.30 -18.13 26.95
N PRO B 89 6.26 -19.07 26.95
CA PRO B 89 6.76 -19.74 25.74
C PRO B 89 5.67 -20.27 24.81
N LYS B 90 4.46 -20.48 25.32
CA LYS B 90 3.32 -20.90 24.49
C LYS B 90 2.76 -19.74 23.66
N GLN B 91 2.58 -18.61 24.33
CA GLN B 91 2.04 -17.41 23.69
C GLN B 91 3.05 -16.79 22.75
N ARG B 92 4.32 -16.82 23.13
CA ARG B 92 5.38 -16.40 22.22
C ARG B 92 5.27 -17.16 20.88
N ALA B 93 5.24 -18.49 20.93
CA ALA B 93 5.12 -19.29 19.72
C ALA B 93 3.87 -18.93 18.90
N ASN B 94 2.71 -18.85 19.56
CA ASN B 94 1.48 -18.49 18.86
C ASN B 94 1.61 -17.22 18.02
N ALA B 95 2.19 -16.18 18.61
CA ALA B 95 2.44 -14.94 17.91
C ALA B 95 3.40 -15.16 16.74
N ARG B 96 4.38 -16.02 16.93
CA ARG B 96 5.35 -16.30 15.88
C ARG B 96 4.64 -16.95 14.71
N ILE B 97 3.62 -17.74 15.03
CA ILE B 97 2.84 -18.41 14.00
C ILE B 97 1.97 -17.40 13.31
N LEU B 98 1.33 -16.55 14.10
CA LEU B 98 0.38 -15.56 13.60
C LEU B 98 1.08 -14.55 12.71
N LEU B 99 2.23 -14.06 13.18
CA LEU B 99 3.04 -13.15 12.41
C LEU B 99 3.41 -13.79 11.08
N GLU B 100 3.67 -15.09 11.07
CA GLU B 100 4.00 -15.77 9.81
C GLU B 100 2.79 -15.88 8.87
N TYR B 101 1.60 -15.79 9.44
CA TYR B 101 0.38 -15.82 8.64
C TYR B 101 0.12 -14.44 8.06
N VAL B 102 0.04 -13.46 8.95
CA VAL B 102 -0.22 -12.08 8.54
C VAL B 102 0.74 -11.70 7.43
N ASN B 103 1.92 -12.32 7.44
CA ASN B 103 2.93 -11.99 6.45
C ASN B 103 2.66 -12.58 5.07
N LYS B 104 2.38 -13.88 4.99
CA LYS B 104 2.23 -14.53 3.70
C LYS B 104 0.91 -14.11 3.07
N THR B 105 0.06 -13.52 3.89
CA THR B 105 -1.28 -13.18 3.48
C THR B 105 -1.44 -11.70 3.07
N PHE B 106 -0.93 -10.79 3.87
CA PHE B 106 -1.05 -9.36 3.55
C PHE B 106 0.29 -8.74 3.21
N LEU B 107 1.30 -8.98 4.04
CA LEU B 107 2.59 -8.31 3.91
C LEU B 107 3.25 -8.52 2.54
N GLN B 108 3.37 -9.76 2.10
CA GLN B 108 3.99 -9.94 0.80
C GLN B 108 3.03 -9.60 -0.34
N ASN B 109 1.75 -9.88 -0.14
CA ASN B 109 0.78 -9.53 -1.18
C ASN B 109 0.73 -8.03 -1.39
N ILE B 110 0.88 -7.27 -0.30
CA ILE B 110 0.89 -5.83 -0.40
C ILE B 110 2.01 -5.42 -1.33
N ILE B 111 3.04 -6.25 -1.39
CA ILE B 111 4.22 -5.90 -2.16
C ILE B 111 4.07 -6.28 -3.61
N LYS B 112 3.30 -7.33 -3.88
CA LYS B 112 3.00 -7.71 -5.25
C LYS B 112 2.20 -6.61 -5.93
N LEU B 113 1.27 -6.00 -5.18
CA LEU B 113 0.39 -4.95 -5.71
C LEU B 113 1.14 -3.70 -6.11
N GLN B 114 2.37 -3.56 -5.63
CA GLN B 114 3.17 -2.39 -5.93
C GLN B 114 3.97 -2.53 -7.22
N SER B 115 4.07 -3.76 -7.71
CA SER B 115 4.70 -4.02 -8.99
C SER B 115 3.87 -3.43 -10.11
N PRO B 116 4.52 -2.75 -11.07
CA PRO B 116 3.81 -2.04 -12.13
C PRO B 116 3.50 -2.91 -13.35
N ASP B 117 3.64 -4.22 -13.22
CA ASP B 117 3.41 -5.11 -14.36
C ASP B 117 2.41 -6.18 -13.97
N LEU B 118 1.65 -5.90 -12.92
CA LEU B 118 0.61 -6.78 -12.45
C LEU B 118 -0.57 -6.75 -13.42
N ASP B 119 -1.13 -7.92 -13.71
CA ASP B 119 -2.14 -8.05 -14.75
C ASP B 119 -3.55 -7.79 -14.23
N GLU B 120 -4.11 -6.63 -14.58
CA GLU B 120 -5.38 -6.10 -14.05
C GLU B 120 -6.35 -7.05 -13.28
N LYS B 121 -6.46 -8.31 -13.71
CA LYS B 121 -7.29 -9.32 -13.01
C LYS B 121 -6.59 -9.88 -11.75
N GLN B 122 -5.27 -9.94 -11.82
CA GLN B 122 -4.39 -10.47 -10.76
C GLN B 122 -4.63 -9.88 -9.37
N ALA B 123 -4.83 -8.58 -9.33
CA ALA B 123 -4.77 -7.80 -8.11
C ALA B 123 -6.15 -7.77 -7.51
N ASN B 124 -7.12 -7.48 -8.35
CA ASN B 124 -8.48 -7.51 -7.89
C ASN B 124 -8.66 -8.76 -7.05
N GLU B 125 -8.13 -9.88 -7.55
CA GLU B 125 -8.15 -11.12 -6.79
C GLU B 125 -7.33 -11.02 -5.50
N ILE B 126 -6.14 -10.44 -5.59
CA ILE B 126 -5.28 -10.26 -4.42
C ILE B 126 -6.01 -9.48 -3.36
N LYS B 127 -6.48 -8.30 -3.74
CA LYS B 127 -7.15 -7.39 -2.84
C LYS B 127 -8.32 -8.08 -2.16
N MET B 128 -9.13 -8.76 -2.95
CA MET B 128 -10.33 -9.35 -2.40
C MET B 128 -9.98 -10.57 -1.55
N LEU B 129 -9.00 -11.35 -1.99
CA LEU B 129 -8.45 -12.41 -1.15
C LEU B 129 -8.02 -11.84 0.20
N MET B 130 -7.49 -10.62 0.17
CA MET B 130 -7.08 -9.93 1.38
C MET B 130 -8.27 -9.52 2.24
N GLN B 131 -9.32 -9.05 1.59
CA GLN B 131 -10.47 -8.52 2.31
C GLN B 131 -11.14 -9.61 3.13
N ARG B 132 -11.08 -10.84 2.62
CA ARG B 132 -11.74 -11.98 3.25
C ARG B 132 -11.21 -12.34 4.63
N ASP B 133 -9.88 -12.38 4.75
CA ASP B 133 -9.26 -12.90 5.95
C ASP B 133 -8.80 -11.81 6.89
N ILE B 134 -9.12 -10.56 6.59
CA ILE B 134 -8.58 -9.50 7.41
C ILE B 134 -9.32 -9.32 8.73
N ILE B 135 -10.64 -9.23 8.68
CA ILE B 135 -11.41 -9.07 9.91
C ILE B 135 -11.16 -10.25 10.85
N SER B 136 -11.38 -11.47 10.35
CA SER B 136 -11.10 -12.65 11.16
C SER B 136 -9.72 -12.51 11.78
N THR B 137 -8.76 -12.09 10.97
CA THR B 137 -7.39 -11.89 11.42
C THR B 137 -7.33 -10.91 12.59
N TYR B 138 -7.76 -9.67 12.36
CA TYR B 138 -7.81 -8.70 13.44
C TYR B 138 -8.38 -9.31 14.73
N LYS B 139 -9.52 -10.00 14.60
CA LYS B 139 -10.19 -10.62 15.74
C LYS B 139 -9.29 -11.61 16.49
N LYS B 140 -8.47 -12.33 15.74
CA LYS B 140 -7.52 -13.26 16.31
C LYS B 140 -6.44 -12.48 17.06
N ILE B 141 -6.00 -11.38 16.47
CA ILE B 141 -4.90 -10.61 17.03
C ILE B 141 -5.27 -10.02 18.37
N VAL B 142 -6.54 -9.62 18.48
CA VAL B 142 -7.06 -9.08 19.71
C VAL B 142 -7.15 -10.14 20.78
N SER B 143 -7.95 -11.17 20.52
CA SER B 143 -8.12 -12.26 21.46
C SER B 143 -6.79 -12.59 22.12
N GLU B 144 -5.77 -12.86 21.32
CA GLU B 144 -4.45 -13.24 21.84
C GLU B 144 -3.86 -12.16 22.73
N ARG B 145 -4.16 -10.91 22.42
CA ARG B 145 -3.62 -9.78 23.17
C ARG B 145 -4.31 -9.65 24.51
N GLU B 146 -5.56 -10.06 24.56
CA GLU B 146 -6.33 -10.07 25.80
C GLU B 146 -5.75 -11.13 26.71
N VAL B 147 -5.49 -12.30 26.14
CA VAL B 147 -4.82 -13.38 26.86
C VAL B 147 -3.51 -12.88 27.49
N ASN B 148 -2.51 -12.63 26.66
CA ASN B 148 -1.16 -12.32 27.12
C ASN B 148 -1.08 -11.13 28.07
N ALA B 149 -2.05 -10.23 27.96
CA ALA B 149 -2.06 -9.05 28.81
C ALA B 149 -2.48 -9.48 30.21
N GLU B 150 -3.47 -10.37 30.23
CA GLU B 150 -4.08 -10.87 31.46
C GLU B 150 -3.26 -11.94 32.18
N SER B 151 -2.52 -12.74 31.41
CA SER B 151 -1.65 -13.76 31.99
C SER B 151 -0.55 -13.09 32.79
N ASN B 152 -0.26 -11.84 32.44
CA ASN B 152 0.66 -11.02 33.21
C ASN B 152 0.30 -9.54 33.09
N PRO B 153 -0.36 -9.00 34.12
CA PRO B 153 -0.73 -7.58 34.24
C PRO B 153 0.43 -6.71 34.72
N ASP B 154 1.49 -7.34 35.23
CA ASP B 154 2.65 -6.61 35.72
C ASP B 154 3.77 -6.52 34.67
N ALA B 155 3.76 -7.45 33.70
CA ALA B 155 4.78 -7.48 32.66
C ALA B 155 4.85 -6.17 31.89
N GLN B 156 3.72 -5.73 31.37
CA GLN B 156 3.65 -4.49 30.61
C GLN B 156 4.51 -4.50 29.35
N ASN B 157 4.27 -5.49 28.50
CA ASN B 157 4.93 -5.56 27.20
C ASN B 157 3.99 -5.07 26.10
N ILE B 158 4.55 -4.82 24.93
CA ILE B 158 3.76 -4.36 23.78
C ILE B 158 3.42 -5.54 22.89
N ASN B 159 2.31 -5.43 22.17
CA ASN B 159 1.89 -6.50 21.25
C ASN B 159 2.33 -6.22 19.82
N VAL B 160 3.48 -6.76 19.43
CA VAL B 160 4.06 -6.51 18.10
C VAL B 160 3.08 -6.80 16.96
N LEU B 161 2.21 -7.79 17.15
CA LEU B 161 1.29 -8.15 16.09
C LEU B 161 0.13 -7.16 15.97
N THR B 162 -0.05 -6.34 16.98
CA THR B 162 -1.04 -5.27 16.92
C THR B 162 -0.43 -4.11 16.12
N LEU B 163 0.81 -3.76 16.44
CA LEU B 163 1.56 -2.76 15.69
C LEU B 163 1.58 -3.10 14.21
N ILE B 164 2.02 -4.31 13.91
CA ILE B 164 2.14 -4.79 12.53
C ILE B 164 0.86 -4.61 11.75
N ILE B 165 -0.25 -4.94 12.38
CA ILE B 165 -1.52 -4.86 11.69
C ILE B 165 -1.95 -3.42 11.47
N THR B 166 -1.64 -2.53 12.42
CA THR B 166 -1.99 -1.13 12.23
C THR B 166 -1.52 -0.72 10.85
N PHE B 167 -0.36 -1.24 10.45
CA PHE B 167 0.17 -0.95 9.12
C PHE B 167 -0.66 -1.58 7.97
N VAL B 168 -1.17 -2.78 8.19
CA VAL B 168 -1.97 -3.48 7.18
C VAL B 168 -3.29 -2.76 6.91
N PHE B 169 -3.75 -1.99 7.89
CA PHE B 169 -4.91 -1.15 7.71
C PHE B 169 -4.51 0.13 6.96
N TYR B 170 -3.36 0.70 7.34
CA TYR B 170 -2.85 1.93 6.74
C TYR B 170 -2.49 1.77 5.27
N TYR B 171 -2.20 0.55 4.85
CA TYR B 171 -1.94 0.27 3.44
C TYR B 171 -3.21 -0.15 2.72
N PHE B 172 -4.12 -0.80 3.44
CA PHE B 172 -5.45 -1.00 2.89
C PHE B 172 -5.97 0.37 2.49
N ILE B 173 -5.72 1.35 3.36
CA ILE B 173 -6.15 2.73 3.12
C ILE B 173 -5.33 3.42 2.05
N LYS B 174 -4.11 2.96 1.86
CA LYS B 174 -3.20 3.60 0.93
C LYS B 174 -3.49 3.10 -0.48
N LEU B 175 -3.98 1.87 -0.57
CA LEU B 175 -4.20 1.24 -1.85
C LEU B 175 -5.67 1.28 -2.28
N LYS B 176 -6.47 1.96 -1.46
CA LYS B 176 -7.88 2.15 -1.77
C LYS B 176 -8.67 0.84 -1.68
N ILE B 177 -8.26 -0.01 -0.75
CA ILE B 177 -8.98 -1.25 -0.47
C ILE B 177 -9.89 -1.00 0.72
N SER B 178 -11.13 -1.46 0.60
CA SER B 178 -12.11 -1.26 1.66
C SER B 178 -11.89 -2.24 2.79
N ILE B 179 -12.20 -1.79 4.01
CA ILE B 179 -12.17 -2.65 5.17
C ILE B 179 -13.59 -3.09 5.49
N PRO B 180 -13.98 -4.28 5.00
CA PRO B 180 -15.38 -4.69 5.15
C PRO B 180 -15.75 -4.98 6.59
N THR B 181 -16.34 -4.00 7.27
CA THR B 181 -16.88 -4.21 8.61
C THR B 181 -17.96 -3.19 8.95
N LYS B 182 -19.08 -3.69 9.47
CA LYS B 182 -20.12 -2.83 10.00
C LYS B 182 -19.82 -2.55 11.46
N ASP B 183 -19.45 -3.61 12.18
CA ASP B 183 -19.22 -3.55 13.62
C ASP B 183 -18.74 -2.18 14.08
N LYS B 184 -19.59 -1.50 14.83
CA LYS B 184 -19.28 -0.18 15.37
C LYS B 184 -17.85 -0.13 15.90
N ASN B 185 -17.63 -0.68 17.09
CA ASN B 185 -16.38 -0.42 17.80
C ASN B 185 -15.13 -1.05 17.19
N ILE B 186 -15.30 -1.98 16.26
CA ILE B 186 -14.15 -2.46 15.50
C ILE B 186 -13.55 -1.28 14.77
N ILE B 187 -14.41 -0.54 14.07
CA ILE B 187 -14.00 0.69 13.41
C ILE B 187 -13.52 1.76 14.41
N LYS B 188 -14.06 1.74 15.62
CA LYS B 188 -13.60 2.67 16.66
C LYS B 188 -12.20 2.23 17.03
N GLU B 189 -12.04 0.92 17.23
CA GLU B 189 -10.75 0.37 17.58
C GLU B 189 -9.78 0.74 16.49
N ILE B 190 -10.14 0.41 15.23
CA ILE B 190 -9.29 0.71 14.09
C ILE B 190 -8.83 2.15 14.11
N LYS B 191 -9.79 3.08 14.18
CA LYS B 191 -9.44 4.51 14.17
C LYS B 191 -8.46 4.89 15.29
N GLU B 192 -8.74 4.47 16.52
CA GLU B 192 -7.85 4.73 17.66
C GLU B 192 -6.49 4.13 17.41
N LEU B 193 -6.52 2.92 16.83
CA LEU B 193 -5.32 2.14 16.53
C LEU B 193 -4.38 2.86 15.57
N LEU B 194 -4.94 3.63 14.65
CA LEU B 194 -4.16 4.43 13.72
C LEU B 194 -3.80 5.77 14.33
N SER B 195 -4.35 6.04 15.51
CA SER B 195 -4.18 7.35 16.17
C SER B 195 -3.17 7.31 17.33
N GLU B 196 -2.53 6.15 17.51
CA GLU B 196 -1.47 6.03 18.50
C GLU B 196 -0.26 6.84 18.03
N PRO B 197 0.33 7.66 18.94
CA PRO B 197 1.35 8.67 18.64
C PRO B 197 2.52 8.19 17.79
N ASN B 198 3.20 7.15 18.22
CA ASN B 198 4.40 6.70 17.51
C ASN B 198 4.14 6.29 16.07
N PHE B 199 2.92 5.81 15.82
CA PHE B 199 2.49 5.50 14.47
C PHE B 199 2.53 6.77 13.62
N ILE B 200 1.92 7.84 14.11
CA ILE B 200 1.99 9.11 13.42
C ILE B 200 3.45 9.50 13.19
N LYS B 201 4.25 9.42 14.25
CA LYS B 201 5.64 9.82 14.17
C LYS B 201 6.38 9.04 13.08
N THR B 202 5.92 7.82 12.82
CA THR B 202 6.54 6.99 11.80
C THR B 202 6.12 7.44 10.42
N ILE B 203 5.06 8.23 10.37
CA ILE B 203 4.53 8.72 9.11
C ILE B 203 4.19 10.23 9.14
N SER C 1 -0.39 -5.72 -28.54
CA SER C 1 1.00 -6.17 -28.67
C SER C 1 1.60 -6.53 -27.31
N ASN C 2 2.92 -6.39 -27.21
CA ASN C 2 3.66 -6.68 -26.00
C ASN C 2 3.24 -5.83 -24.79
N ALA C 3 3.33 -4.51 -24.96
CA ALA C 3 3.18 -3.56 -23.86
C ALA C 3 1.98 -3.83 -22.96
N MET C 4 1.97 -3.17 -21.81
CA MET C 4 0.86 -3.28 -20.86
C MET C 4 -0.25 -2.33 -21.28
N VAL C 5 0.15 -1.21 -21.88
CA VAL C 5 -0.80 -0.18 -22.31
C VAL C 5 -0.35 0.48 -23.60
N THR C 6 -1.23 1.30 -24.17
CA THR C 6 -0.93 2.02 -25.41
C THR C 6 -1.40 3.48 -25.33
N LEU C 7 -0.46 4.41 -25.40
CA LEU C 7 -0.81 5.83 -25.31
C LEU C 7 -0.79 6.46 -26.69
N TYR C 8 -1.95 6.92 -27.11
CA TYR C 8 -2.10 7.64 -28.36
C TYR C 8 -1.97 9.14 -28.05
N THR C 9 -0.92 9.76 -28.56
CA THR C 9 -0.62 11.17 -28.25
C THR C 9 -0.63 12.09 -29.46
N THR C 10 -0.82 13.38 -29.21
CA THR C 10 -0.82 14.39 -30.27
C THR C 10 0.30 15.42 -30.07
N LYS C 11 0.88 15.90 -31.17
CA LYS C 11 1.96 16.88 -31.09
C LYS C 11 1.57 18.10 -30.27
N TYR C 12 2.53 18.63 -29.54
CA TYR C 12 2.36 19.89 -28.81
C TYR C 12 1.11 19.90 -27.95
N CYS C 13 1.00 18.92 -27.06
CA CYS C 13 -0.18 18.79 -26.20
C CYS C 13 0.26 18.56 -24.76
N PRO C 14 -0.02 19.51 -23.86
CA PRO C 14 0.45 19.41 -22.47
C PRO C 14 -0.24 18.27 -21.75
N TYR C 15 -1.45 17.93 -22.20
CA TYR C 15 -2.20 16.84 -21.62
C TYR C 15 -1.63 15.49 -22.07
N SER C 16 -0.96 15.51 -23.21
CA SER C 16 -0.35 14.30 -23.76
C SER C 16 1.06 14.09 -23.23
N LEU C 17 1.75 15.18 -22.87
CA LEU C 17 3.07 15.08 -22.27
C LEU C 17 2.96 14.67 -20.81
N ARG C 18 2.01 15.30 -20.11
CA ARG C 18 1.65 14.91 -18.77
C ARG C 18 1.62 13.40 -18.66
N ALA C 19 0.90 12.77 -19.57
CA ALA C 19 0.62 11.34 -19.49
C ALA C 19 1.82 10.44 -19.78
N ARG C 20 2.83 10.94 -20.48
CA ARG C 20 3.99 10.09 -20.76
C ARG C 20 5.11 10.36 -19.78
N ILE C 21 5.04 11.52 -19.12
CA ILE C 21 5.88 11.78 -17.97
C ILE C 21 5.48 10.80 -16.86
N ALA C 22 4.23 10.92 -16.44
CA ALA C 22 3.69 10.06 -15.38
C ALA C 22 3.99 8.58 -15.62
N LEU C 23 3.73 8.11 -16.83
CA LEU C 23 3.87 6.69 -17.13
C LEU C 23 5.32 6.25 -17.10
N ALA C 24 6.23 7.13 -17.51
CA ALA C 24 7.64 6.81 -17.43
C ALA C 24 8.00 6.54 -15.98
N GLU C 25 7.51 7.42 -15.12
CA GLU C 25 7.77 7.37 -13.69
C GLU C 25 7.38 6.06 -13.01
N LYS C 26 6.27 5.48 -13.45
CA LYS C 26 5.74 4.28 -12.84
C LYS C 26 6.41 3.05 -13.42
N LYS C 27 7.15 3.26 -14.52
CA LYS C 27 7.81 2.18 -15.23
C LYS C 27 6.84 1.16 -15.83
N MET C 28 5.62 1.60 -16.12
CA MET C 28 4.66 0.75 -16.82
C MET C 28 5.05 0.69 -18.29
N SER C 29 5.11 -0.50 -18.86
CA SER C 29 5.51 -0.66 -20.26
C SER C 29 4.45 -0.10 -21.22
N THR C 30 4.85 0.86 -22.05
CA THR C 30 3.90 1.60 -22.89
C THR C 30 4.30 1.64 -24.37
N ASP C 31 3.30 1.57 -25.23
CA ASP C 31 3.49 1.80 -26.66
C ASP C 31 2.91 3.17 -27.00
N ILE C 32 3.77 4.10 -27.42
CA ILE C 32 3.31 5.45 -27.74
C ILE C 32 3.07 5.64 -29.24
N VAL C 33 1.82 5.95 -29.58
CA VAL C 33 1.38 6.12 -30.97
C VAL C 33 1.07 7.59 -31.26
N GLU C 34 1.48 8.07 -32.43
CA GLU C 34 1.28 9.48 -32.77
C GLU C 34 -0.06 9.75 -33.46
N ALA C 35 -0.65 10.90 -33.11
CA ALA C 35 -1.87 11.36 -33.73
C ALA C 35 -1.52 12.10 -35.02
N GLY C 36 -2.43 12.11 -35.98
CA GLY C 36 -2.12 12.61 -37.31
C GLY C 36 -1.32 11.56 -38.05
N ASP C 37 -0.74 10.62 -37.30
CA ASP C 37 0.03 9.52 -37.86
C ASP C 37 -0.92 8.39 -38.24
N LEU C 38 -2.17 8.54 -37.82
CA LEU C 38 -3.16 7.49 -37.99
C LEU C 38 -4.02 7.71 -39.22
N GLU C 39 -4.81 6.69 -39.56
CA GLU C 39 -5.79 6.78 -40.63
C GLU C 39 -7.00 7.55 -40.08
N PRO C 40 -7.51 8.53 -40.85
CA PRO C 40 -8.58 9.39 -40.33
C PRO C 40 -9.80 8.58 -39.97
N ALA C 41 -9.88 7.38 -40.52
CA ALA C 41 -10.96 6.46 -40.23
C ALA C 41 -10.92 6.04 -38.77
N MET C 42 -9.89 5.28 -38.40
CA MET C 42 -9.82 4.73 -37.06
C MET C 42 -9.41 5.74 -36.00
N ILE C 43 -9.03 6.94 -36.42
CA ILE C 43 -8.89 8.04 -35.48
C ILE C 43 -10.24 8.17 -34.79
N LYS C 44 -11.31 8.16 -35.57
CA LYS C 44 -12.67 8.26 -35.03
C LYS C 44 -13.10 6.95 -34.37
N LYS C 45 -12.27 5.92 -34.51
CA LYS C 45 -12.50 4.66 -33.82
C LYS C 45 -12.05 4.79 -32.37
N ILE C 46 -10.88 5.38 -32.22
CA ILE C 46 -10.18 5.42 -30.94
C ILE C 46 -10.82 6.39 -29.97
N THR C 47 -11.01 7.63 -30.40
CA THR C 47 -11.75 8.59 -29.60
C THR C 47 -12.64 9.44 -30.50
N PRO C 48 -13.95 9.20 -30.43
CA PRO C 48 -14.90 9.80 -31.36
C PRO C 48 -14.89 11.34 -31.30
N ASN C 49 -14.59 11.93 -30.15
CA ASN C 49 -14.61 13.38 -30.06
C ASN C 49 -13.27 14.05 -30.33
N GLY C 50 -12.34 13.32 -30.94
CA GLY C 50 -11.02 13.85 -31.22
C GLY C 50 -10.29 14.33 -29.98
N VAL C 51 -10.65 13.77 -28.84
CA VAL C 51 -10.05 14.19 -27.56
C VAL C 51 -8.84 13.34 -27.21
N PHE C 52 -7.67 13.98 -27.17
CA PHE C 52 -6.43 13.30 -26.83
C PHE C 52 -5.83 13.88 -25.55
N PRO C 53 -4.88 13.15 -24.94
CA PRO C 53 -4.43 11.84 -25.41
C PRO C 53 -5.33 10.73 -24.90
N VAL C 54 -5.10 9.52 -25.40
CA VAL C 54 -5.95 8.36 -25.09
C VAL C 54 -5.12 7.17 -24.62
N LEU C 55 -5.41 6.69 -23.41
CA LEU C 55 -4.70 5.54 -22.88
C LEU C 55 -5.62 4.33 -22.98
N MET C 56 -5.09 3.23 -23.50
CA MET C 56 -5.87 2.02 -23.73
C MET C 56 -5.16 0.77 -23.20
N GLU C 57 -5.91 -0.09 -22.51
CA GLU C 57 -5.41 -1.40 -22.07
C GLU C 57 -6.38 -2.46 -22.57
N LYS C 58 -6.31 -3.65 -21.99
CA LYS C 58 -7.13 -4.76 -22.49
C LYS C 58 -8.63 -4.44 -22.47
N ASP C 59 -9.14 -4.07 -21.30
CA ASP C 59 -10.58 -3.98 -21.08
C ASP C 59 -11.05 -2.58 -20.74
N TYR C 60 -10.13 -1.63 -20.72
CA TYR C 60 -10.46 -0.26 -20.35
C TYR C 60 -9.76 0.73 -21.26
N SER C 61 -10.41 1.86 -21.49
CA SER C 61 -9.81 2.94 -22.24
C SER C 61 -10.12 4.23 -21.51
N ILE C 62 -9.30 5.24 -21.71
CA ILE C 62 -9.50 6.49 -20.98
C ILE C 62 -8.90 7.71 -21.68
N ASN C 63 -9.61 8.83 -21.61
CA ASN C 63 -9.15 10.05 -22.25
C ASN C 63 -9.62 11.30 -21.52
N ASN C 64 -10.61 11.13 -20.62
CA ASN C 64 -11.05 12.20 -19.72
C ASN C 64 -9.85 12.79 -18.98
N ARG C 65 -9.46 14.00 -19.35
CA ARG C 65 -8.20 14.56 -18.91
C ARG C 65 -8.20 14.94 -17.43
N LYS C 66 -9.33 15.41 -16.96
CA LYS C 66 -9.48 15.77 -15.55
C LYS C 66 -8.99 14.62 -14.66
N ALA C 67 -9.40 13.40 -14.98
CA ALA C 67 -9.13 12.25 -14.14
C ALA C 67 -8.25 11.18 -14.77
N LEU C 68 -7.52 11.53 -15.83
CA LEU C 68 -6.65 10.57 -16.48
C LEU C 68 -5.40 10.27 -15.65
N LEU C 69 -4.63 11.30 -15.34
CA LEU C 69 -3.40 11.15 -14.56
C LEU C 69 -3.66 10.63 -13.15
N ILE C 70 -4.77 11.04 -12.54
CA ILE C 70 -5.16 10.49 -11.25
C ILE C 70 -5.48 9.00 -11.37
N TYR C 71 -6.06 8.61 -12.50
CA TYR C 71 -6.28 7.20 -12.80
C TYR C 71 -4.97 6.42 -12.85
N ILE C 72 -4.06 6.86 -13.71
CA ILE C 72 -2.71 6.29 -13.78
C ILE C 72 -2.06 6.12 -12.39
N ASP C 73 -2.17 7.14 -11.55
CA ASP C 73 -1.59 7.07 -10.22
C ASP C 73 -2.23 5.99 -9.36
N GLU C 74 -3.53 5.77 -9.53
CA GLU C 74 -4.24 4.76 -8.74
C GLU C 74 -4.11 3.36 -9.34
N ARG C 75 -3.84 3.29 -10.65
CA ARG C 75 -3.74 2.00 -11.33
C ARG C 75 -2.39 1.35 -11.15
N PHE C 76 -1.33 2.10 -11.43
CA PHE C 76 0.04 1.67 -11.17
C PHE C 76 0.53 2.43 -9.96
N PRO C 77 0.24 1.88 -8.79
CA PRO C 77 0.26 2.62 -7.53
C PRO C 77 1.65 3.07 -7.11
N ALA C 78 2.69 2.34 -7.50
CA ALA C 78 4.06 2.69 -7.10
C ALA C 78 4.96 2.98 -8.29
N PRO C 79 5.75 4.07 -8.22
CA PRO C 79 5.91 4.94 -7.05
C PRO C 79 4.71 5.86 -6.87
N SER C 80 4.44 6.26 -5.63
CA SER C 80 3.28 7.12 -5.38
C SER C 80 3.54 8.59 -5.75
N LEU C 81 2.78 9.10 -6.72
CA LEU C 81 2.95 10.47 -7.20
C LEU C 81 2.08 11.46 -6.44
N LEU C 82 1.67 11.07 -5.23
CA LEU C 82 0.87 11.92 -4.35
C LEU C 82 1.32 11.84 -2.90
N PRO C 83 1.41 12.99 -2.22
CA PRO C 83 1.85 13.05 -0.83
C PRO C 83 1.27 11.92 0.02
N ASN C 84 2.05 11.39 0.95
CA ASN C 84 1.53 10.40 1.88
C ASN C 84 0.97 11.09 3.09
N VAL C 85 1.17 12.40 3.16
CA VAL C 85 0.62 13.18 4.26
C VAL C 85 -0.63 13.89 3.77
N VAL C 86 -1.74 13.63 4.45
CA VAL C 86 -3.05 14.09 4.01
C VAL C 86 -3.06 15.60 3.75
N ASN C 87 -2.82 16.38 4.79
CA ASN C 87 -2.89 17.85 4.67
C ASN C 87 -2.25 18.36 3.39
N GLU C 88 -1.09 17.85 3.02
CA GLU C 88 -0.43 18.34 1.81
C GLU C 88 -1.02 17.76 0.54
N ARG C 89 -1.42 16.50 0.59
CA ARG C 89 -2.09 15.86 -0.53
C ARG C 89 -3.32 16.69 -0.84
N ILE C 90 -4.02 17.07 0.22
CA ILE C 90 -5.27 17.81 0.11
C ILE C 90 -5.06 19.15 -0.60
N LYS C 91 -3.93 19.78 -0.37
CA LYS C 91 -3.60 21.00 -1.07
C LYS C 91 -3.21 20.66 -2.50
N ILE C 92 -2.42 19.60 -2.66
CA ILE C 92 -1.97 19.17 -3.97
C ILE C 92 -3.13 18.92 -4.90
N ARG C 93 -4.25 18.48 -4.35
CA ARG C 93 -5.42 18.15 -5.17
C ARG C 93 -6.17 19.42 -5.57
N LEU C 94 -6.30 20.37 -4.64
CA LEU C 94 -6.82 21.68 -4.99
C LEU C 94 -5.92 22.32 -6.05
N SER C 95 -4.61 22.22 -5.84
CA SER C 95 -3.64 22.90 -6.70
C SER C 95 -3.56 22.31 -8.10
N LEU C 96 -4.14 21.13 -8.30
CA LEU C 96 -4.06 20.49 -9.60
C LEU C 96 -5.01 21.11 -10.63
N ASP C 97 -6.31 21.14 -10.32
CA ASP C 97 -7.27 21.70 -11.28
C ASP C 97 -7.20 23.22 -11.28
N LYS C 98 -6.49 23.78 -10.31
CA LYS C 98 -6.17 25.20 -10.36
C LYS C 98 -5.13 25.38 -11.46
N ILE C 99 -4.23 24.42 -11.57
CA ILE C 99 -3.23 24.45 -12.63
C ILE C 99 -3.91 24.36 -13.97
N ASP C 100 -4.92 23.49 -14.06
CA ASP C 100 -5.60 23.25 -15.32
C ASP C 100 -6.60 24.36 -15.67
N ASN C 101 -7.23 24.95 -14.67
CA ASN C 101 -8.21 26.00 -14.92
C ASN C 101 -7.62 27.40 -14.79
N GLU C 102 -6.37 27.47 -14.33
CA GLU C 102 -5.65 28.73 -14.27
C GLU C 102 -4.57 28.76 -15.34
N TRP C 103 -3.49 28.03 -15.07
CA TRP C 103 -2.27 28.16 -15.85
C TRP C 103 -2.32 27.50 -17.22
N TYR C 104 -3.29 26.62 -17.44
CA TYR C 104 -3.38 25.93 -18.71
C TYR C 104 -4.07 26.71 -19.83
N PRO C 105 -5.15 27.43 -19.47
CA PRO C 105 -5.83 28.24 -20.48
C PRO C 105 -4.84 29.20 -21.13
N VAL C 106 -4.07 29.91 -20.31
CA VAL C 106 -3.15 30.93 -20.79
C VAL C 106 -2.32 30.43 -21.97
N LEU C 107 -1.95 29.16 -21.95
CA LEU C 107 -1.19 28.57 -23.05
C LEU C 107 -1.94 28.72 -24.36
N ASP C 108 -3.18 28.25 -24.38
CA ASP C 108 -3.95 28.22 -25.61
C ASP C 108 -4.24 29.61 -26.17
N GLN C 109 -4.33 30.61 -25.30
CA GLN C 109 -4.57 31.98 -25.74
C GLN C 109 -3.33 32.65 -26.32
N ILE C 110 -2.20 31.99 -26.14
CA ILE C 110 -0.95 32.45 -26.73
C ILE C 110 -0.72 31.70 -28.03
N ARG C 111 -1.67 30.84 -28.38
CA ARG C 111 -1.59 30.11 -29.64
C ARG C 111 -2.66 30.56 -30.61
N LYS C 112 -3.84 30.90 -30.10
CA LYS C 112 -4.90 31.39 -30.97
C LYS C 112 -4.65 32.86 -31.32
N HIS C 113 -4.31 33.66 -30.32
CA HIS C 113 -3.99 35.07 -30.52
C HIS C 113 -2.52 35.26 -30.84
N ARG C 114 -1.83 34.19 -31.21
CA ARG C 114 -0.38 34.25 -31.43
C ARG C 114 -0.03 34.89 -32.77
N SER C 115 -0.99 34.89 -33.68
CA SER C 115 -0.79 35.48 -35.01
C SER C 115 -0.87 37.02 -34.97
N ASP C 116 -0.53 37.57 -33.81
CA ASP C 116 -0.50 39.01 -33.60
C ASP C 116 0.57 39.37 -32.56
N GLN C 117 1.49 40.26 -32.93
CA GLN C 117 2.65 40.53 -32.09
C GLN C 117 2.45 41.46 -30.90
N LYS C 118 1.49 42.38 -30.99
CA LYS C 118 1.28 43.35 -29.92
C LYS C 118 0.59 42.76 -28.67
N MET C 119 -0.29 41.77 -28.88
CA MET C 119 -0.98 41.11 -27.78
C MET C 119 -0.05 40.14 -27.06
N LEU C 120 0.80 39.46 -27.84
CA LEU C 120 1.79 38.54 -27.29
C LEU C 120 2.70 39.25 -26.30
N GLU C 121 3.24 40.38 -26.74
CA GLU C 121 4.08 41.24 -25.91
C GLU C 121 3.47 41.43 -24.52
N SER C 122 2.19 41.78 -24.49
CA SER C 122 1.52 42.11 -23.23
C SER C 122 1.15 40.85 -22.44
N MET C 123 1.02 39.74 -23.17
CA MET C 123 0.70 38.45 -22.55
C MET C 123 1.91 37.86 -21.84
N PHE C 124 3.07 37.90 -22.47
CA PHE C 124 4.28 37.42 -21.81
C PHE C 124 4.65 38.34 -20.65
N LYS C 125 4.16 39.57 -20.71
CA LYS C 125 4.48 40.57 -19.68
C LYS C 125 3.64 40.39 -18.43
N ASP C 126 2.44 39.88 -18.59
CA ASP C 126 1.52 39.68 -17.46
C ASP C 126 1.83 38.39 -16.70
N LEU C 127 2.45 37.43 -17.39
CA LEU C 127 2.81 36.18 -16.76
C LEU C 127 4.21 36.31 -16.16
N LYS C 128 5.01 37.22 -16.73
CA LYS C 128 6.23 37.63 -16.06
C LYS C 128 5.83 38.13 -14.67
N GLU C 129 4.68 38.78 -14.60
CA GLU C 129 4.13 39.26 -13.32
C GLU C 129 3.81 38.11 -12.37
N SER C 130 3.25 37.05 -12.94
CA SER C 130 2.77 35.92 -12.17
C SER C 130 3.93 35.19 -11.47
N LEU C 131 5.03 35.02 -12.18
CA LEU C 131 6.16 34.24 -11.67
C LEU C 131 7.08 35.03 -10.74
N LEU C 132 7.31 36.31 -11.07
CA LEU C 132 8.19 37.16 -10.29
C LEU C 132 7.63 37.38 -8.89
N ALA C 133 6.31 37.24 -8.77
CA ALA C 133 5.65 37.40 -7.48
C ALA C 133 5.67 36.10 -6.68
N MET C 134 6.13 35.03 -7.31
CA MET C 134 5.99 33.69 -6.76
C MET C 134 7.31 33.03 -6.42
N GLU C 135 8.38 33.43 -7.10
CA GLU C 135 9.71 32.87 -6.86
C GLU C 135 10.19 33.18 -5.45
N LYS C 136 9.61 34.21 -4.85
CA LYS C 136 9.89 34.59 -3.47
C LYS C 136 8.90 33.91 -2.53
N ALA C 137 7.67 33.79 -2.99
CA ALA C 137 6.60 33.15 -2.22
C ALA C 137 6.95 31.70 -1.86
N PHE C 138 7.50 30.98 -2.83
CA PHE C 138 7.88 29.60 -2.61
C PHE C 138 9.35 29.35 -2.93
N THR C 139 10.02 28.63 -2.04
CA THR C 139 11.43 28.29 -2.22
C THR C 139 11.78 27.26 -1.17
N GLY C 140 13.04 26.80 -1.20
CA GLY C 140 13.51 25.84 -0.22
C GLY C 140 12.68 24.58 -0.24
N SER C 141 12.29 24.16 -1.44
CA SER C 141 11.61 22.88 -1.62
C SER C 141 12.16 22.20 -2.86
N GLU C 142 12.48 20.92 -2.75
CA GLU C 142 13.06 20.21 -3.88
C GLU C 142 12.15 20.29 -5.10
N PHE C 143 10.94 19.78 -4.96
CA PHE C 143 9.93 19.88 -6.00
C PHE C 143 8.74 20.71 -5.54
N PHE C 144 7.82 20.98 -6.46
CA PHE C 144 6.65 21.80 -6.19
C PHE C 144 5.99 21.44 -4.87
N ILE C 145 5.88 22.42 -3.97
CA ILE C 145 5.19 22.26 -2.69
C ILE C 145 5.23 20.84 -2.14
N SER C 146 6.41 20.22 -2.19
CA SER C 146 6.56 18.85 -1.70
C SER C 146 8.01 18.45 -1.51
N SER C 147 8.22 17.33 -0.83
CA SER C 147 9.54 16.75 -0.70
C SER C 147 9.83 15.86 -1.90
N GLY C 148 8.77 15.27 -2.45
CA GLY C 148 8.90 14.32 -3.54
C GLY C 148 8.20 14.71 -4.84
N PHE C 149 8.46 13.92 -5.87
CA PHE C 149 7.93 14.14 -7.20
C PHE C 149 6.44 13.86 -7.22
N THR C 150 5.67 14.76 -7.80
CA THR C 150 4.21 14.71 -7.73
C THR C 150 3.58 14.75 -9.12
N LEU C 151 2.28 14.48 -9.18
CA LEU C 151 1.51 14.67 -10.40
C LEU C 151 1.52 16.13 -10.80
N ALA C 152 1.66 17.01 -9.81
CA ALA C 152 1.73 18.45 -10.07
C ALA C 152 2.95 18.76 -10.92
N ASP C 153 4.05 18.05 -10.67
CA ASP C 153 5.25 18.21 -11.46
C ASP C 153 5.03 17.73 -12.88
N CYS C 154 4.27 16.67 -13.06
CA CYS C 154 3.92 16.22 -14.39
C CYS C 154 3.08 17.28 -15.11
N TYR C 155 2.05 17.79 -14.45
CA TYR C 155 1.25 18.87 -15.01
C TYR C 155 2.18 19.99 -15.45
N ILE C 156 2.97 20.47 -14.49
CA ILE C 156 3.77 21.67 -14.68
C ILE C 156 4.90 21.51 -15.70
N ALA C 157 5.64 20.41 -15.61
CA ALA C 157 6.70 20.14 -16.58
C ALA C 157 6.11 20.19 -17.98
N ALA C 158 4.98 19.52 -18.19
CA ALA C 158 4.37 19.46 -19.51
C ALA C 158 4.03 20.84 -20.02
N LEU C 159 3.46 21.68 -19.14
CA LEU C 159 3.09 23.04 -19.50
C LEU C 159 4.32 23.87 -19.82
N ILE C 160 5.41 23.56 -19.14
CA ILE C 160 6.67 24.25 -19.41
C ILE C 160 7.23 23.92 -20.79
N ILE C 161 7.39 22.62 -21.07
CA ILE C 161 7.88 22.17 -22.36
C ILE C 161 7.12 22.81 -23.51
N CYS C 162 5.80 22.95 -23.33
CA CYS C 162 4.94 23.48 -24.39
C CYS C 162 5.09 24.97 -24.63
N LEU C 163 5.34 25.72 -23.57
CA LEU C 163 5.39 27.18 -23.71
C LEU C 163 6.74 27.67 -24.25
N GLU C 164 7.83 27.06 -23.80
CA GLU C 164 9.14 27.45 -24.31
C GLU C 164 9.36 26.90 -25.72
N ALA C 165 8.33 26.27 -26.27
CA ALA C 165 8.35 25.87 -27.66
C ALA C 165 7.70 26.96 -28.49
N GLU C 166 7.34 28.05 -27.82
CA GLU C 166 6.80 29.23 -28.48
C GLU C 166 7.21 30.55 -27.83
N GLY C 167 8.51 30.69 -27.54
CA GLY C 167 9.06 31.99 -27.16
C GLY C 167 9.43 32.19 -25.71
N PHE C 168 8.49 31.93 -24.81
CA PHE C 168 8.72 32.17 -23.39
C PHE C 168 9.64 31.12 -22.79
N ILE C 169 10.88 31.51 -22.48
CA ILE C 169 11.89 30.55 -22.07
C ILE C 169 12.39 30.76 -20.63
N ILE C 170 12.96 29.68 -20.09
CA ILE C 170 13.64 29.63 -18.80
C ILE C 170 14.65 30.78 -18.61
N ASP C 171 15.25 30.85 -17.41
CA ASP C 171 16.52 31.53 -17.17
C ASP C 171 16.69 32.37 -15.90
N ASP C 172 17.96 32.65 -15.60
CA ASP C 172 18.42 33.48 -14.48
C ASP C 172 17.35 34.16 -13.62
N GLU C 173 16.70 35.17 -14.20
CA GLU C 173 15.78 36.05 -13.47
C GLU C 173 14.88 35.37 -12.44
N TYR C 174 14.03 34.47 -12.91
CA TYR C 174 13.02 33.81 -12.07
C TYR C 174 13.57 33.20 -10.77
N GLY C 175 14.85 32.88 -10.75
CA GLY C 175 15.53 32.47 -9.53
C GLY C 175 15.09 31.14 -8.97
N ALA C 176 14.47 31.17 -7.79
CA ALA C 176 14.12 29.92 -7.12
C ALA C 176 13.40 29.00 -8.11
N ILE C 177 12.70 29.61 -9.04
CA ILE C 177 11.93 28.90 -10.06
C ILE C 177 12.82 28.37 -11.20
N TYR C 178 13.81 29.17 -11.58
CA TYR C 178 14.71 28.77 -12.65
C TYR C 178 15.21 27.34 -12.50
N GLU C 179 15.90 27.05 -11.40
CA GLU C 179 16.53 25.75 -11.24
C GLU C 179 15.62 24.65 -10.67
N TYR C 180 14.47 25.03 -10.11
CA TYR C 180 13.44 24.04 -9.85
C TYR C 180 13.13 23.36 -11.17
N LYS C 181 13.17 24.16 -12.23
CA LYS C 181 12.98 23.64 -13.58
C LYS C 181 14.18 22.80 -14.01
N LYS C 182 15.37 23.26 -13.61
CA LYS C 182 16.61 22.54 -13.91
C LYS C 182 16.53 21.10 -13.39
N ARG C 183 16.26 20.95 -12.10
CA ARG C 183 16.11 19.64 -11.50
C ARG C 183 14.88 18.94 -12.07
N LEU C 184 14.03 19.71 -12.75
CA LEU C 184 12.78 19.17 -13.28
C LEU C 184 13.02 18.36 -14.55
N PHE C 185 13.82 18.91 -15.46
CA PHE C 185 14.15 18.19 -16.69
C PHE C 185 15.36 17.26 -16.53
N ALA C 186 15.81 17.13 -15.28
CA ALA C 186 16.86 16.19 -14.94
C ALA C 186 16.29 14.78 -14.90
N ARG C 187 15.07 14.65 -14.38
CA ARG C 187 14.42 13.34 -14.28
C ARG C 187 14.26 12.76 -15.68
N ASP C 188 14.64 11.49 -15.87
CA ASP C 188 14.52 10.91 -17.19
C ASP C 188 13.06 10.65 -17.61
N SER C 189 12.14 10.76 -16.66
CA SER C 189 10.72 10.64 -16.98
C SER C 189 10.27 11.88 -17.75
N VAL C 190 10.99 12.97 -17.55
CA VAL C 190 10.76 14.21 -18.27
C VAL C 190 11.86 14.38 -19.31
N LYS C 191 12.92 13.58 -19.19
CA LYS C 191 13.98 13.61 -20.17
C LYS C 191 13.48 12.96 -21.45
N LYS C 192 12.83 11.81 -21.30
CA LYS C 192 12.25 11.10 -22.44
C LYS C 192 11.08 11.87 -23.05
N ALA C 193 10.51 12.79 -22.27
CA ALA C 193 9.33 13.54 -22.68
C ALA C 193 9.69 14.81 -23.43
N ASN C 194 10.94 15.23 -23.33
CA ASN C 194 11.39 16.48 -23.94
C ASN C 194 12.02 16.25 -25.31
N ILE C 195 11.93 15.02 -25.80
CA ILE C 195 12.54 14.67 -27.08
C ILE C 195 11.52 14.18 -28.10
N SER D 1 -9.67 21.79 18.69
CA SER D 1 -9.52 20.35 18.46
C SER D 1 -9.83 20.02 17.01
N ASN D 2 -10.85 19.18 16.80
CA ASN D 2 -11.31 18.83 15.46
C ASN D 2 -12.05 19.99 14.82
N ALA D 3 -11.40 21.14 14.75
CA ALA D 3 -12.01 22.38 14.29
C ALA D 3 -12.06 22.49 12.76
N MET D 4 -12.88 21.66 12.14
CA MET D 4 -13.25 21.87 10.75
C MET D 4 -14.44 22.81 10.70
N LEU D 5 -14.34 23.81 9.84
CA LEU D 5 -15.44 24.73 9.65
C LEU D 5 -15.88 24.64 8.20
N LEU D 6 -17.17 24.54 7.97
CA LEU D 6 -17.69 24.53 6.61
C LEU D 6 -18.50 25.80 6.34
N TYR D 7 -18.11 26.54 5.31
CA TYR D 7 -18.82 27.76 4.94
C TYR D 7 -19.91 27.43 3.94
N THR D 8 -21.16 27.46 4.39
CA THR D 8 -22.26 27.03 3.56
C THR D 8 -23.21 28.16 3.16
N LYS D 9 -24.27 27.77 2.46
CA LYS D 9 -25.41 28.63 2.19
C LYS D 9 -26.64 27.74 2.08
N LYS D 10 -27.79 28.29 2.43
CA LYS D 10 -29.04 27.56 2.34
C LYS D 10 -29.52 27.56 0.90
N ASP D 11 -30.17 26.47 0.50
CA ASP D 11 -30.64 26.29 -0.88
C ASP D 11 -29.49 26.14 -1.89
N ASP D 12 -28.26 26.21 -1.41
CA ASP D 12 -27.12 25.87 -2.26
C ASP D 12 -27.03 24.37 -2.34
N ILE D 13 -27.26 23.81 -3.53
CA ILE D 13 -27.18 22.37 -3.69
C ILE D 13 -25.84 21.79 -3.25
N TYR D 14 -24.76 22.48 -3.60
CA TYR D 14 -23.39 22.06 -3.23
C TYR D 14 -23.23 21.84 -1.72
N SER D 15 -23.37 22.92 -0.95
CA SER D 15 -23.32 22.87 0.51
C SER D 15 -24.05 21.67 1.08
N ASP D 16 -25.25 21.42 0.54
CA ASP D 16 -26.14 20.35 1.03
C ASP D 16 -25.59 18.97 0.70
N ILE D 17 -24.84 18.88 -0.38
CA ILE D 17 -24.20 17.64 -0.77
C ILE D 17 -23.12 17.30 0.24
N VAL D 18 -22.27 18.28 0.54
CA VAL D 18 -21.20 18.09 1.51
C VAL D 18 -21.67 17.96 2.97
N ARG D 19 -22.67 18.75 3.36
CA ARG D 19 -23.24 18.62 4.68
C ARG D 19 -23.73 17.20 4.92
N MET D 20 -24.26 16.56 3.88
CA MET D 20 -24.74 15.19 4.01
C MET D 20 -23.57 14.23 4.16
N ILE D 21 -22.61 14.34 3.26
CA ILE D 21 -21.42 13.50 3.32
C ILE D 21 -20.81 13.47 4.71
N LEU D 22 -20.65 14.64 5.31
CA LEU D 22 -20.06 14.76 6.63
C LEU D 22 -20.85 14.04 7.71
N LEU D 23 -22.17 14.15 7.69
CA LEU D 23 -22.98 13.50 8.72
C LEU D 23 -23.01 11.98 8.52
N ILE D 24 -22.69 11.52 7.32
CA ILE D 24 -22.53 10.09 7.07
C ILE D 24 -21.18 9.67 7.66
N LYS D 25 -20.20 10.54 7.49
CA LYS D 25 -18.84 10.31 7.96
C LYS D 25 -18.80 10.28 9.48
N GLY D 26 -19.89 10.75 10.09
CA GLY D 26 -19.92 10.94 11.53
C GLY D 26 -18.90 11.99 11.91
N ALA D 27 -18.64 12.91 10.98
CA ALA D 27 -17.62 13.93 11.16
C ALA D 27 -18.06 15.00 12.13
N ASN D 28 -17.08 15.52 12.88
CA ASN D 28 -17.32 16.67 13.71
C ASN D 28 -16.89 17.93 12.99
N ALA D 29 -17.88 18.72 12.60
CA ALA D 29 -17.62 19.93 11.84
C ALA D 29 -18.53 21.02 12.34
N LYS D 30 -18.04 22.25 12.27
CA LYS D 30 -18.87 23.42 12.58
C LYS D 30 -19.37 24.02 11.27
N ILE D 31 -20.67 23.91 11.05
CA ILE D 31 -21.25 24.43 9.82
C ILE D 31 -21.66 25.90 9.99
N VAL D 32 -21.45 26.69 8.93
CA VAL D 32 -21.70 28.12 8.97
C VAL D 32 -22.46 28.59 7.74
N ASP D 33 -23.67 29.09 7.96
CA ASP D 33 -24.46 29.65 6.87
C ASP D 33 -24.07 31.12 6.70
N VAL D 34 -23.21 31.39 5.73
CA VAL D 34 -22.75 32.75 5.47
C VAL D 34 -23.95 33.66 5.15
N SER D 35 -25.05 33.04 4.73
CA SER D 35 -26.27 33.75 4.39
C SER D 35 -26.95 34.35 5.61
N LYS D 36 -26.67 33.80 6.78
CA LYS D 36 -27.18 34.35 8.03
C LYS D 36 -26.54 35.71 8.35
N GLU D 37 -27.36 36.74 8.51
CA GLU D 37 -26.88 38.10 8.76
C GLU D 37 -26.06 38.22 10.03
N GLU D 38 -26.17 37.23 10.91
CA GLU D 38 -25.40 37.21 12.14
C GLU D 38 -24.00 36.68 11.90
N ASN D 39 -23.85 35.84 10.88
CA ASN D 39 -22.55 35.30 10.53
C ASN D 39 -21.73 36.25 9.66
N SER D 40 -22.07 37.53 9.70
CA SER D 40 -21.28 38.53 9.00
C SER D 40 -19.82 38.36 9.37
N LYS D 41 -19.57 38.02 10.63
CA LYS D 41 -18.21 37.78 11.11
C LYS D 41 -17.51 36.82 10.16
N HIS D 42 -18.10 35.64 9.99
CA HIS D 42 -17.48 34.58 9.22
C HIS D 42 -17.39 34.94 7.74
N LEU D 43 -18.27 35.82 7.29
CA LEU D 43 -18.24 36.25 5.90
C LEU D 43 -16.99 37.08 5.60
N GLU D 44 -16.55 37.89 6.56
CA GLU D 44 -15.33 38.67 6.37
C GLU D 44 -14.11 37.78 6.23
N GLU D 45 -14.04 36.73 7.05
CA GLU D 45 -12.94 35.78 7.02
C GLU D 45 -13.02 34.91 5.79
N LEU D 46 -14.23 34.82 5.24
CA LEU D 46 -14.48 33.98 4.07
C LEU D 46 -13.75 34.52 2.85
N ASN D 47 -13.83 35.83 2.64
CA ASN D 47 -13.25 36.45 1.45
C ASN D 47 -11.73 36.58 1.56
N ILE D 48 -11.21 36.26 2.73
CA ILE D 48 -9.78 36.31 2.97
C ILE D 48 -9.10 35.00 2.59
N ILE D 49 -9.69 33.87 2.98
CA ILE D 49 -9.06 32.57 2.74
C ILE D 49 -9.49 31.87 1.46
N THR D 50 -10.17 32.58 0.57
CA THR D 50 -10.52 32.04 -0.73
C THR D 50 -10.59 33.15 -1.78
N PRO D 51 -10.30 32.79 -3.04
CA PRO D 51 -10.23 33.75 -4.14
C PRO D 51 -11.45 34.65 -4.28
N ASN D 52 -12.63 34.07 -4.50
CA ASN D 52 -13.83 34.84 -4.80
C ASN D 52 -14.92 34.67 -3.76
N GLY D 53 -14.56 34.12 -2.60
CA GLY D 53 -15.51 33.85 -1.54
C GLY D 53 -16.31 32.61 -1.87
N ASN D 54 -15.60 31.56 -2.26
CA ASN D 54 -16.20 30.39 -2.86
C ASN D 54 -17.07 29.55 -1.90
N ILE D 55 -18.33 29.32 -2.29
CA ILE D 55 -19.24 28.48 -1.52
C ILE D 55 -19.45 27.13 -2.22
N PRO D 56 -19.23 26.02 -1.50
CA PRO D 56 -18.84 26.00 -0.09
C PRO D 56 -17.34 25.86 0.07
N THR D 57 -16.86 26.02 1.29
CA THR D 57 -15.44 25.91 1.55
C THR D 57 -15.18 25.13 2.84
N LEU D 58 -14.23 24.19 2.75
CA LEU D 58 -13.86 23.41 3.90
C LEU D 58 -12.55 23.96 4.42
N SER D 59 -12.60 24.55 5.61
CA SER D 59 -11.41 25.14 6.23
C SER D 59 -11.06 24.50 7.57
N THR D 60 -9.78 24.24 7.76
CA THR D 60 -9.25 23.79 9.03
C THR D 60 -8.10 24.74 9.34
N ASP D 61 -7.54 24.65 10.55
CA ASP D 61 -6.42 25.52 10.91
C ASP D 61 -5.25 25.36 9.93
N ASP D 62 -5.37 24.42 8.99
CA ASP D 62 -4.29 24.10 8.03
C ASP D 62 -4.59 24.47 6.59
N PHE D 63 -5.81 24.22 6.12
CA PHE D 63 -6.18 24.46 4.72
C PHE D 63 -7.56 25.06 4.51
N ALA D 64 -7.90 25.27 3.24
CA ALA D 64 -9.14 25.91 2.83
C ALA D 64 -9.43 25.59 1.36
N VAL D 65 -10.04 24.43 1.12
CA VAL D 65 -10.36 24.00 -0.24
C VAL D 65 -11.80 24.34 -0.59
N TYR D 66 -12.11 24.43 -1.88
CA TYR D 66 -13.40 25.00 -2.27
C TYR D 66 -14.04 24.53 -3.58
N ARG D 67 -13.45 23.56 -4.27
CA ARG D 67 -14.09 23.04 -5.47
C ARG D 67 -14.75 21.72 -5.13
N LEU D 68 -15.96 21.48 -5.62
CA LEU D 68 -16.71 20.30 -5.16
C LEU D 68 -15.92 19.00 -5.24
N SER D 69 -15.40 18.68 -6.42
CA SER D 69 -14.61 17.46 -6.59
C SER D 69 -13.48 17.36 -5.54
N VAL D 70 -12.83 18.50 -5.28
CA VAL D 70 -11.72 18.58 -4.34
C VAL D 70 -12.12 18.35 -2.88
N ILE D 71 -13.20 18.99 -2.44
CA ILE D 71 -13.67 18.82 -1.07
C ILE D 71 -14.08 17.39 -0.79
N ILE D 72 -14.54 16.68 -1.81
CA ILE D 72 -15.03 15.33 -1.57
C ILE D 72 -13.87 14.38 -1.36
N GLU D 73 -12.84 14.49 -2.22
CA GLU D 73 -11.63 13.70 -2.05
C GLU D 73 -11.12 13.98 -0.67
N ALA D 74 -10.91 15.26 -0.39
CA ALA D 74 -10.39 15.71 0.89
C ALA D 74 -11.10 15.14 2.13
N ILE D 75 -12.42 15.07 2.10
CA ILE D 75 -13.14 14.50 3.23
C ILE D 75 -12.88 13.01 3.31
N GLU D 76 -12.63 12.42 2.15
CA GLU D 76 -12.44 10.98 2.02
C GLU D 76 -11.10 10.57 2.66
N ASP D 77 -10.19 11.54 2.74
CA ASP D 77 -8.89 11.34 3.37
C ASP D 77 -8.93 11.59 4.85
N LEU D 78 -9.63 12.64 5.27
CA LEU D 78 -9.78 12.95 6.68
C LEU D 78 -10.61 11.87 7.40
N TYR D 79 -11.61 11.34 6.71
CA TYR D 79 -12.48 10.34 7.28
C TYR D 79 -12.68 9.27 6.22
N PRO D 80 -11.81 8.26 6.20
CA PRO D 80 -12.01 7.19 5.22
C PRO D 80 -13.09 6.19 5.61
N PHE D 81 -13.95 6.54 6.58
CA PHE D 81 -15.02 5.64 7.03
C PHE D 81 -16.41 6.24 7.06
N PRO D 82 -17.35 5.63 6.33
CA PRO D 82 -17.11 4.55 5.36
C PRO D 82 -16.63 5.14 4.05
N PRO D 83 -16.33 4.29 3.06
CA PRO D 83 -15.78 4.82 1.80
C PRO D 83 -16.89 5.34 0.90
N MET D 84 -16.56 6.35 0.09
CA MET D 84 -17.51 6.93 -0.85
C MET D 84 -17.23 6.46 -2.28
N PHE D 85 -15.98 6.08 -2.55
CA PHE D 85 -15.61 5.59 -3.87
C PHE D 85 -15.50 4.08 -3.94
N PRO D 86 -15.38 3.54 -5.16
CA PRO D 86 -15.22 2.09 -5.29
C PRO D 86 -13.76 1.70 -5.17
N VAL D 87 -13.47 0.41 -5.12
CA VAL D 87 -12.12 -0.06 -4.90
C VAL D 87 -11.23 -0.01 -6.15
N PHE D 88 -11.80 -0.39 -7.29
CA PHE D 88 -11.00 -0.59 -8.51
C PHE D 88 -10.78 0.69 -9.31
N PRO D 89 -9.51 0.97 -9.62
CA PRO D 89 -9.00 2.22 -10.19
C PRO D 89 -9.86 2.72 -11.33
N LYS D 90 -10.34 1.81 -12.18
CA LYS D 90 -11.13 2.22 -13.33
C LYS D 90 -12.56 2.58 -12.91
N GLN D 91 -13.11 1.86 -11.95
CA GLN D 91 -14.44 2.18 -11.41
C GLN D 91 -14.45 3.56 -10.75
N ARG D 92 -13.42 3.82 -9.95
CA ARG D 92 -13.26 5.14 -9.37
C ARG D 92 -13.11 6.15 -10.50
N ALA D 93 -12.41 5.76 -11.56
CA ALA D 93 -12.12 6.67 -12.66
C ALA D 93 -13.42 6.99 -13.36
N ASN D 94 -14.17 5.96 -13.71
CA ASN D 94 -15.55 6.16 -14.11
C ASN D 94 -16.28 7.09 -13.12
N ALA D 95 -16.18 6.79 -11.83
CA ALA D 95 -16.83 7.59 -10.78
C ALA D 95 -16.56 9.09 -10.89
N ARG D 96 -15.30 9.47 -11.08
CA ARG D 96 -14.91 10.86 -11.20
C ARG D 96 -15.39 11.47 -12.52
N ILE D 97 -15.32 10.68 -13.60
CA ILE D 97 -15.80 11.13 -14.89
C ILE D 97 -17.30 11.45 -14.82
N LEU D 98 -18.06 10.51 -14.28
CA LEU D 98 -19.51 10.66 -14.18
C LEU D 98 -19.89 11.85 -13.31
N LEU D 99 -19.13 12.06 -12.23
CA LEU D 99 -19.44 13.17 -11.34
C LEU D 99 -19.12 14.51 -12.01
N GLU D 100 -18.04 14.55 -12.78
CA GLU D 100 -17.72 15.75 -13.53
C GLU D 100 -18.88 16.11 -14.47
N TYR D 101 -19.45 15.11 -15.13
CA TYR D 101 -20.58 15.34 -16.04
C TYR D 101 -21.85 15.81 -15.30
N VAL D 102 -22.01 15.37 -14.06
CA VAL D 102 -23.18 15.72 -13.27
C VAL D 102 -23.07 17.15 -12.72
N ASN D 103 -21.84 17.60 -12.48
CA ASN D 103 -21.64 18.97 -12.03
C ASN D 103 -21.89 19.94 -13.17
N LYS D 104 -21.37 19.60 -14.35
CA LYS D 104 -21.41 20.52 -15.48
C LYS D 104 -22.71 20.49 -16.28
N THR D 105 -23.61 19.55 -15.96
CA THR D 105 -24.91 19.45 -16.63
C THR D 105 -26.09 19.86 -15.75
N PHE D 106 -25.97 19.59 -14.45
CA PHE D 106 -27.07 19.80 -13.53
C PHE D 106 -26.72 20.77 -12.42
N LEU D 107 -25.68 20.44 -11.66
CA LEU D 107 -25.28 21.25 -10.51
C LEU D 107 -25.03 22.71 -10.91
N GLN D 108 -24.02 22.94 -11.74
CA GLN D 108 -23.65 24.28 -12.13
C GLN D 108 -24.85 25.06 -12.70
N ASN D 109 -25.71 24.38 -13.47
CA ASN D 109 -26.91 25.00 -14.05
C ASN D 109 -27.97 25.32 -13.01
N ILE D 110 -28.25 24.35 -12.14
CA ILE D 110 -29.18 24.56 -11.01
C ILE D 110 -28.89 25.89 -10.32
N ILE D 111 -27.60 26.13 -10.03
CA ILE D 111 -27.19 27.37 -9.40
C ILE D 111 -27.56 28.61 -10.20
N LYS D 112 -27.20 28.67 -11.47
CA LYS D 112 -27.57 29.86 -12.22
C LYS D 112 -29.08 30.05 -12.27
N LEU D 113 -29.83 28.97 -12.01
CA LEU D 113 -31.28 29.10 -11.89
C LEU D 113 -31.68 29.80 -10.59
N GLN D 114 -30.71 30.39 -9.89
CA GLN D 114 -31.00 31.00 -8.60
C GLN D 114 -30.51 32.45 -8.44
N SER D 115 -29.96 33.00 -9.52
CA SER D 115 -29.58 34.42 -9.55
C SER D 115 -30.72 35.21 -10.19
N PRO D 116 -31.32 36.12 -9.42
CA PRO D 116 -32.53 36.86 -9.78
C PRO D 116 -32.41 37.64 -11.09
N ASP D 117 -31.21 37.74 -11.63
CA ASP D 117 -31.03 38.45 -12.90
C ASP D 117 -31.31 37.52 -14.08
N LEU D 118 -32.03 36.43 -13.83
CA LEU D 118 -32.26 35.46 -14.90
C LEU D 118 -33.41 35.79 -15.87
N ASP D 119 -33.05 36.06 -17.11
CA ASP D 119 -34.03 36.29 -18.17
C ASP D 119 -34.98 35.12 -18.18
N GLU D 120 -36.28 35.41 -18.15
CA GLU D 120 -37.30 34.36 -18.07
C GLU D 120 -37.05 33.17 -19.01
N LYS D 121 -36.84 33.43 -20.30
CA LYS D 121 -36.63 32.34 -21.25
C LYS D 121 -35.28 31.67 -21.07
N GLN D 122 -34.26 32.44 -20.70
CA GLN D 122 -32.93 31.89 -20.44
C GLN D 122 -32.96 30.85 -19.31
N ALA D 123 -33.84 31.03 -18.32
CA ALA D 123 -34.00 30.07 -17.23
C ALA D 123 -34.79 28.85 -17.65
N ASN D 124 -35.70 29.03 -18.61
CA ASN D 124 -36.48 27.92 -19.14
C ASN D 124 -35.66 27.12 -20.14
N GLU D 125 -34.79 27.81 -20.88
CA GLU D 125 -33.84 27.15 -21.76
C GLU D 125 -33.20 26.05 -20.93
N ILE D 126 -32.55 26.50 -19.87
CA ILE D 126 -31.82 25.64 -18.97
C ILE D 126 -32.61 24.44 -18.43
N LYS D 127 -33.84 24.67 -17.99
CA LYS D 127 -34.59 23.61 -17.31
C LYS D 127 -34.81 22.38 -18.19
N MET D 128 -35.12 22.59 -19.45
CA MET D 128 -35.41 21.47 -20.34
C MET D 128 -34.12 20.77 -20.78
N LEU D 129 -33.03 21.53 -20.88
CA LEU D 129 -31.73 20.93 -21.13
C LEU D 129 -31.39 19.93 -20.02
N MET D 130 -31.80 20.28 -18.80
CA MET D 130 -31.65 19.40 -17.65
C MET D 130 -32.61 18.24 -17.76
N GLN D 131 -33.84 18.56 -18.13
CA GLN D 131 -34.88 17.55 -18.24
C GLN D 131 -34.56 16.48 -19.27
N ARG D 132 -33.91 16.89 -20.37
CA ARG D 132 -33.55 15.97 -21.43
C ARG D 132 -32.58 14.88 -20.97
N ASP D 133 -31.55 15.27 -20.23
CA ASP D 133 -30.50 14.33 -19.90
C ASP D 133 -30.64 13.71 -18.52
N ILE D 134 -31.72 14.00 -17.81
CA ILE D 134 -31.80 13.53 -16.44
C ILE D 134 -31.98 12.02 -16.26
N ILE D 135 -33.05 11.47 -16.82
CA ILE D 135 -33.26 10.05 -16.68
C ILE D 135 -32.05 9.30 -17.27
N SER D 136 -31.74 9.61 -18.52
CA SER D 136 -30.55 9.08 -19.20
C SER D 136 -29.40 8.89 -18.20
N THR D 137 -29.17 9.91 -17.39
CA THR D 137 -28.12 9.94 -16.40
C THR D 137 -28.38 8.96 -15.27
N TYR D 138 -29.42 9.23 -14.49
CA TYR D 138 -29.85 8.31 -13.44
C TYR D 138 -29.69 6.85 -13.92
N LYS D 139 -30.13 6.55 -15.13
CA LYS D 139 -29.93 5.22 -15.67
C LYS D 139 -28.44 4.81 -15.62
N LYS D 140 -27.57 5.71 -16.06
CA LYS D 140 -26.12 5.45 -16.04
C LYS D 140 -25.59 5.28 -14.62
N ILE D 141 -25.99 6.17 -13.73
CA ILE D 141 -25.56 6.14 -12.33
C ILE D 141 -25.85 4.80 -11.66
N VAL D 142 -27.11 4.36 -11.72
CA VAL D 142 -27.47 3.06 -11.17
C VAL D 142 -26.58 1.97 -11.79
N SER D 143 -26.52 1.98 -13.12
CA SER D 143 -25.72 1.01 -13.87
C SER D 143 -24.38 0.77 -13.20
N GLU D 144 -23.61 1.84 -13.06
CA GLU D 144 -22.29 1.78 -12.44
C GLU D 144 -22.33 1.25 -11.02
N ARG D 145 -23.32 1.68 -10.26
CA ARG D 145 -23.45 1.18 -8.91
C ARG D 145 -23.62 -0.32 -8.91
N GLU D 146 -24.32 -0.81 -9.93
CA GLU D 146 -24.62 -2.24 -10.03
C GLU D 146 -23.40 -3.04 -10.44
N VAL D 147 -22.67 -2.54 -11.44
CA VAL D 147 -21.41 -3.14 -11.89
C VAL D 147 -20.44 -3.27 -10.75
N ASN D 148 -20.31 -2.19 -10.00
CA ASN D 148 -19.43 -2.11 -8.83
C ASN D 148 -19.80 -3.09 -7.73
N ALA D 149 -21.05 -3.02 -7.26
CA ALA D 149 -21.51 -3.84 -6.14
C ALA D 149 -21.42 -5.33 -6.44
N GLU D 150 -21.48 -5.68 -7.72
CA GLU D 150 -21.38 -7.07 -8.14
C GLU D 150 -19.93 -7.53 -8.24
N SER D 151 -19.03 -6.60 -8.55
CA SER D 151 -17.62 -6.93 -8.65
C SER D 151 -16.99 -7.19 -7.30
N ASN D 152 -17.50 -6.52 -6.28
CA ASN D 152 -17.05 -6.75 -4.92
C ASN D 152 -18.18 -6.51 -3.93
N PRO D 153 -18.96 -7.56 -3.63
CA PRO D 153 -20.16 -7.55 -2.79
C PRO D 153 -19.89 -7.39 -1.30
N ASP D 154 -18.76 -7.90 -0.83
CA ASP D 154 -18.38 -7.71 0.57
C ASP D 154 -17.87 -6.29 0.78
N ALA D 155 -17.55 -5.61 -0.32
CA ALA D 155 -16.97 -4.26 -0.26
C ALA D 155 -17.86 -3.26 0.46
N GLN D 156 -19.16 -3.42 0.30
CA GLN D 156 -20.13 -2.57 1.00
C GLN D 156 -19.71 -1.11 1.06
N ASN D 157 -19.56 -0.51 -0.12
CA ASN D 157 -19.26 0.92 -0.20
C ASN D 157 -20.57 1.71 -0.33
N ILE D 158 -20.45 3.03 -0.43
CA ILE D 158 -21.62 3.90 -0.61
C ILE D 158 -21.45 4.74 -1.89
N ASN D 159 -22.40 4.63 -2.80
CA ASN D 159 -22.26 5.30 -4.10
C ASN D 159 -22.43 6.81 -3.96
N VAL D 160 -21.34 7.55 -4.17
CA VAL D 160 -21.35 9.00 -3.96
C VAL D 160 -22.27 9.67 -4.95
N LEU D 161 -22.29 9.12 -6.17
CA LEU D 161 -23.09 9.67 -7.23
C LEU D 161 -24.57 9.42 -6.97
N THR D 162 -24.89 8.30 -6.34
CA THR D 162 -26.26 8.07 -5.92
C THR D 162 -26.67 9.09 -4.86
N LEU D 163 -25.74 9.43 -3.95
CA LEU D 163 -25.98 10.53 -3.03
C LEU D 163 -26.26 11.81 -3.82
N ILE D 164 -25.25 12.27 -4.56
CA ILE D 164 -25.37 13.49 -5.37
C ILE D 164 -26.66 13.59 -6.17
N ILE D 165 -27.01 12.55 -6.89
CA ILE D 165 -28.18 12.64 -7.77
C ILE D 165 -29.44 12.84 -6.95
N THR D 166 -29.39 12.45 -5.68
CA THR D 166 -30.52 12.61 -4.78
C THR D 166 -30.91 14.09 -4.62
N PHE D 167 -29.91 14.95 -4.46
CA PHE D 167 -30.16 16.37 -4.33
C PHE D 167 -30.50 17.01 -5.66
N VAL D 168 -30.21 16.32 -6.75
CA VAL D 168 -30.65 16.80 -8.05
C VAL D 168 -32.16 16.63 -8.17
N PHE D 169 -32.66 15.43 -7.87
CA PHE D 169 -34.10 15.17 -7.89
C PHE D 169 -34.78 16.14 -6.94
N TYR D 170 -34.17 16.30 -5.78
CA TYR D 170 -34.68 17.16 -4.73
C TYR D 170 -34.71 18.63 -5.15
N TYR D 171 -33.78 19.03 -6.00
CA TYR D 171 -33.75 20.41 -6.48
C TYR D 171 -34.63 20.62 -7.70
N PHE D 172 -34.79 19.55 -8.49
CA PHE D 172 -35.79 19.54 -9.55
C PHE D 172 -37.18 19.85 -8.95
N ILE D 173 -37.43 19.32 -7.75
CA ILE D 173 -38.71 19.45 -7.08
C ILE D 173 -38.93 20.84 -6.53
N LYS D 174 -37.94 21.32 -5.79
CA LYS D 174 -38.03 22.65 -5.21
C LYS D 174 -38.13 23.71 -6.30
N LEU D 175 -37.51 23.45 -7.45
CA LEU D 175 -37.49 24.43 -8.53
C LEU D 175 -38.60 24.17 -9.55
N LYS D 176 -39.51 23.28 -9.19
CA LYS D 176 -40.65 22.95 -10.01
C LYS D 176 -40.31 22.06 -11.20
N ILE D 177 -39.05 22.08 -11.61
CA ILE D 177 -38.64 21.25 -12.74
C ILE D 177 -39.21 19.85 -12.60
N SER D 178 -40.01 19.41 -13.56
CA SER D 178 -40.62 18.08 -13.46
C SER D 178 -39.65 17.03 -13.99
N ILE D 179 -39.87 15.79 -13.56
CA ILE D 179 -38.98 14.71 -13.91
C ILE D 179 -39.60 13.83 -14.99
N PRO D 180 -39.10 13.96 -16.22
CA PRO D 180 -39.59 13.18 -17.37
C PRO D 180 -39.51 11.65 -17.20
N THR D 181 -40.47 11.06 -16.50
CA THR D 181 -40.56 9.59 -16.39
C THR D 181 -41.95 9.12 -15.96
N LYS D 182 -42.48 8.16 -16.70
CA LYS D 182 -43.73 7.51 -16.32
C LYS D 182 -43.43 6.12 -15.76
N ASP D 183 -42.18 5.70 -15.90
CA ASP D 183 -41.70 4.43 -15.37
C ASP D 183 -42.12 4.22 -13.91
N LYS D 184 -43.18 3.44 -13.73
CA LYS D 184 -43.77 3.22 -12.42
C LYS D 184 -42.75 3.15 -11.29
N ASN D 185 -41.69 2.37 -11.48
CA ASN D 185 -40.78 2.10 -10.37
C ASN D 185 -39.50 2.92 -10.29
N ILE D 186 -39.08 3.58 -11.38
CA ILE D 186 -38.00 4.56 -11.27
C ILE D 186 -38.54 5.67 -10.41
N ILE D 187 -39.85 5.89 -10.53
CA ILE D 187 -40.59 6.86 -9.73
C ILE D 187 -40.60 6.43 -8.29
N LYS D 188 -40.79 5.13 -8.08
CA LYS D 188 -40.73 4.56 -6.74
C LYS D 188 -39.27 4.57 -6.26
N GLU D 189 -38.33 4.33 -7.16
CA GLU D 189 -36.93 4.34 -6.78
C GLU D 189 -36.61 5.69 -6.13
N ILE D 190 -37.04 6.76 -6.81
CA ILE D 190 -36.78 8.14 -6.41
C ILE D 190 -37.43 8.52 -5.09
N LYS D 191 -38.67 8.08 -4.91
CA LYS D 191 -39.37 8.28 -3.65
C LYS D 191 -38.49 7.76 -2.51
N GLU D 192 -38.08 6.50 -2.61
CA GLU D 192 -37.37 5.84 -1.52
C GLU D 192 -36.01 6.44 -1.24
N LEU D 193 -35.37 7.03 -2.24
CA LEU D 193 -33.98 7.45 -2.05
C LEU D 193 -33.83 8.86 -1.49
N LEU D 194 -34.90 9.64 -1.51
CA LEU D 194 -34.91 10.85 -0.69
C LEU D 194 -35.84 10.69 0.51
N SER D 195 -36.18 9.43 0.77
CA SER D 195 -36.79 9.02 2.02
C SER D 195 -35.65 8.59 2.94
N GLU D 196 -34.43 8.62 2.39
CA GLU D 196 -33.25 8.16 3.12
C GLU D 196 -33.03 8.95 4.39
N PRO D 197 -32.71 8.26 5.50
CA PRO D 197 -32.59 8.81 6.85
C PRO D 197 -31.61 9.98 6.99
N ASN D 198 -30.46 9.90 6.32
CA ASN D 198 -29.47 10.97 6.40
C ASN D 198 -29.85 12.17 5.56
N PHE D 199 -30.68 11.94 4.55
CA PHE D 199 -31.18 13.01 3.71
C PHE D 199 -32.19 13.84 4.47
N ILE D 200 -33.18 13.19 5.07
CA ILE D 200 -34.13 13.92 5.89
C ILE D 200 -33.36 14.71 6.93
N LYS D 201 -32.31 14.11 7.48
CA LYS D 201 -31.52 14.74 8.54
C LYS D 201 -30.64 15.88 8.03
N THR D 202 -30.53 16.02 6.71
CA THR D 202 -29.76 17.12 6.15
C THR D 202 -30.66 18.29 5.83
N ILE D 203 -31.95 18.04 5.66
CA ILE D 203 -32.90 19.09 5.29
C ILE D 203 -33.96 19.31 6.39
#